data_5MQQ
#
_entry.id   5MQQ
#
_cell.length_a   149.783
_cell.length_b   160.638
_cell.length_c   51.450
_cell.angle_alpha   90.00
_cell.angle_beta   90.00
_cell.angle_gamma   90.00
#
_symmetry.space_group_name_H-M   'P 21 21 2'
#
loop_
_entity.id
_entity.type
_entity.pdbx_description
1 polymer 'AmtR protein'
2 non-polymer 'SULFATE ION'
3 water water
#
_entity_poly.entity_id   1
_entity_poly.type   'polypeptide(L)'
_entity_poly.pdbx_seq_one_letter_code
;RAGKNPREEILDASAELFTRQGFATTSTHQIADAVGIRQASLYYHFPSKTEIFLTLLKSTVEPSTVLAEDLSTLDAGPEM
RLWAIVASEVRLLLSTKWNVGRLYQLPIVGSEEFAEYHSQREALTNVFRDLATEIVGDDPRAELPFHITMSVIEMRRNDG
KIPSPLSADSLPETAIMLADASLAVLGAPLPADRVEKTLELIKQADAK
;
_entity_poly.pdbx_strand_id   A,B,C,D,E,F
#
# COMPACT_ATOMS: atom_id res chain seq x y z
N LYS A 4 10.63 -8.65 27.70
CA LYS A 4 11.34 -7.54 28.32
C LYS A 4 10.60 -6.22 28.11
N ASN A 5 10.52 -5.76 26.86
CA ASN A 5 9.75 -4.55 26.54
C ASN A 5 8.86 -4.69 25.32
N PRO A 6 7.62 -5.16 25.54
CA PRO A 6 6.65 -5.48 24.49
C PRO A 6 6.33 -4.29 23.61
N ARG A 7 6.14 -3.13 24.21
CA ARG A 7 5.80 -1.93 23.47
C ARG A 7 6.95 -1.42 22.62
N GLU A 8 8.17 -1.53 23.11
CA GLU A 8 9.32 -1.07 22.35
C GLU A 8 9.70 -2.05 21.23
N GLU A 9 9.44 -3.33 21.45
CA GLU A 9 9.66 -4.34 20.43
C GLU A 9 8.69 -4.16 19.27
N ILE A 10 7.43 -3.86 19.60
CA ILE A 10 6.42 -3.59 18.58
C ILE A 10 6.81 -2.40 17.73
N LEU A 11 7.31 -1.34 18.36
CA LEU A 11 7.70 -0.14 17.63
C LEU A 11 8.89 -0.42 16.71
N ASP A 12 9.87 -1.16 17.22
CA ASP A 12 11.04 -1.52 16.42
C ASP A 12 10.67 -2.29 15.16
N ALA A 13 9.85 -3.33 15.32
CA ALA A 13 9.43 -4.15 14.19
C ALA A 13 8.60 -3.32 13.21
N SER A 14 7.79 -2.42 13.74
CA SER A 14 6.98 -1.53 12.92
C SER A 14 7.87 -0.58 12.14
N ALA A 15 8.89 -0.07 12.83
CA ALA A 15 9.88 0.78 12.20
C ALA A 15 10.52 0.05 11.01
N GLU A 16 10.91 -1.20 11.23
CA GLU A 16 11.47 -2.02 10.17
C GLU A 16 10.53 -2.20 8.97
N LEU A 17 9.32 -2.67 9.25
CA LEU A 17 8.34 -2.94 8.22
C LEU A 17 7.93 -1.70 7.43
N PHE A 18 7.69 -0.59 8.13
CA PHE A 18 7.28 0.66 7.50
C PHE A 18 8.35 1.25 6.56
N THR A 19 9.59 1.30 7.03
CA THR A 19 10.66 1.88 6.22
C THR A 19 10.97 1.03 5.00
N ARG A 20 10.70 -0.27 5.10
CA ARG A 20 11.03 -1.19 4.02
C ARG A 20 9.87 -1.37 3.03
N GLN A 21 8.63 -1.30 3.53
CA GLN A 21 7.43 -1.58 2.73
C GLN A 21 6.54 -0.36 2.49
N GLY A 22 6.71 0.69 3.29
CA GLY A 22 5.80 1.81 3.27
C GLY A 22 4.61 1.56 4.20
N PHE A 23 3.69 2.51 4.25
CA PHE A 23 2.59 2.45 5.21
C PHE A 23 1.46 1.52 4.75
N ALA A 24 0.99 1.72 3.53
CA ALA A 24 -0.20 1.04 3.04
C ALA A 24 -0.07 -0.49 3.05
N THR A 25 1.09 -1.00 2.67
CA THR A 25 1.24 -2.44 2.49
C THR A 25 1.54 -3.17 3.79
N THR A 26 2.15 -2.46 4.75
CA THR A 26 2.42 -3.03 6.07
C THR A 26 1.13 -3.32 6.81
N SER A 27 1.02 -4.50 7.41
CA SER A 27 -0.18 -4.85 8.17
C SER A 27 0.15 -5.13 9.64
N THR A 28 -0.86 -5.05 10.50
CA THR A 28 -0.66 -5.36 11.91
C THR A 28 -0.38 -6.85 12.12
N HIS A 29 -0.93 -7.69 11.25
CA HIS A 29 -0.62 -9.12 11.27
C HIS A 29 0.89 -9.35 11.12
N GLN A 30 1.50 -8.62 10.19
CA GLN A 30 2.94 -8.73 9.98
C GLN A 30 3.71 -8.30 11.21
N ILE A 31 3.28 -7.19 11.80
CA ILE A 31 3.95 -6.62 12.97
C ILE A 31 3.86 -7.59 14.14
N ALA A 32 2.68 -8.16 14.36
CA ALA A 32 2.47 -9.11 15.45
C ALA A 32 3.31 -10.35 15.23
N ASP A 33 3.31 -10.85 14.00
CA ASP A 33 4.13 -12.00 13.63
C ASP A 33 5.63 -11.73 13.81
N ALA A 34 6.05 -10.51 13.48
CA ALA A 34 7.45 -10.13 13.59
C ALA A 34 7.96 -10.22 15.02
N VAL A 35 7.16 -9.76 15.98
CA VAL A 35 7.59 -9.74 17.37
C VAL A 35 7.22 -11.04 18.09
N GLY A 36 6.49 -11.91 17.41
CA GLY A 36 6.16 -13.22 17.95
C GLY A 36 5.06 -13.25 18.99
N ILE A 37 4.07 -12.38 18.84
CA ILE A 37 2.90 -12.39 19.70
C ILE A 37 1.63 -12.55 18.85
N ARG A 38 0.55 -12.95 19.51
CA ARG A 38 -0.73 -13.02 18.82
C ARG A 38 -1.19 -11.60 18.60
N GLN A 39 -2.01 -11.42 17.58
CA GLN A 39 -2.49 -10.12 17.11
C GLN A 39 -3.36 -9.55 18.22
N ALA A 40 -4.01 -10.46 18.98
CA ALA A 40 -4.81 -10.11 20.14
C ALA A 40 -3.96 -9.40 21.18
N SER A 41 -2.73 -9.86 21.34
CA SER A 41 -1.82 -9.25 22.29
C SER A 41 -1.32 -7.90 21.77
N LEU A 42 -1.14 -7.80 20.46
CA LEU A 42 -0.71 -6.55 19.83
C LEU A 42 -1.80 -5.51 19.97
N TYR A 43 -3.03 -5.96 19.82
CA TYR A 43 -4.20 -5.11 19.88
C TYR A 43 -4.30 -4.45 21.27
N TYR A 44 -3.79 -5.13 22.29
CA TYR A 44 -3.70 -4.58 23.66
C TYR A 44 -2.90 -3.28 23.71
N HIS A 45 -1.76 -3.25 23.04
CA HIS A 45 -0.88 -2.09 23.06
C HIS A 45 -1.26 -1.04 22.02
N PHE A 46 -1.70 -1.48 20.84
CA PHE A 46 -2.05 -0.55 19.77
C PHE A 46 -3.28 -0.98 18.97
N PRO A 47 -4.20 -0.04 18.74
CA PRO A 47 -5.46 -0.27 18.01
C PRO A 47 -5.31 -0.36 16.51
N SER A 48 -4.37 0.41 15.96
CA SER A 48 -4.27 0.54 14.52
C SER A 48 -2.87 0.78 14.02
N LYS A 49 -2.68 0.55 12.72
CA LYS A 49 -1.43 0.83 12.03
C LYS A 49 -1.10 2.32 12.06
N THR A 50 -2.13 3.14 11.90
CA THR A 50 -1.97 4.59 11.88
C THR A 50 -1.45 5.08 13.22
N GLU A 51 -1.99 4.52 14.30
CA GLU A 51 -1.59 4.86 15.65
C GLU A 51 -0.18 4.41 16.01
N ILE A 52 0.24 3.25 15.52
CA ILE A 52 1.63 2.83 15.69
C ILE A 52 2.55 3.81 14.98
N PHE A 53 2.18 4.14 13.76
CA PHE A 53 2.96 5.04 12.92
C PHE A 53 3.11 6.40 13.62
N LEU A 54 2.04 6.88 14.24
CA LEU A 54 2.11 8.13 15.01
C LEU A 54 2.99 8.01 16.25
N THR A 55 2.77 6.96 17.04
CA THR A 55 3.57 6.73 18.24
C THR A 55 5.03 6.64 17.84
N LEU A 56 5.28 5.96 16.72
CA LEU A 56 6.62 5.89 16.17
C LEU A 56 7.16 7.27 15.84
N LEU A 57 6.42 8.04 15.06
CA LEU A 57 6.88 9.37 14.70
C LEU A 57 7.03 10.26 15.93
N LYS A 58 6.12 10.13 16.88
CA LYS A 58 6.12 11.00 18.03
C LYS A 58 7.15 10.62 19.13
N SER A 59 7.50 9.33 19.25
CA SER A 59 8.61 8.95 20.12
C SER A 59 9.92 9.40 19.47
N THR A 60 9.88 9.68 18.17
CA THR A 60 11.10 10.01 17.43
C THR A 60 11.37 11.51 17.20
N VAL A 61 10.31 12.32 17.14
CA VAL A 61 10.49 13.71 16.73
C VAL A 61 10.40 14.67 17.90
N GLU A 62 9.61 14.33 18.91
CA GLU A 62 9.51 15.19 20.09
C GLU A 62 10.86 15.40 20.83
N PRO A 63 11.64 14.31 21.06
CA PRO A 63 12.92 14.55 21.74
C PRO A 63 13.84 15.46 20.93
N SER A 64 13.68 15.42 19.61
CA SER A 64 14.47 16.26 18.73
C SER A 64 14.06 17.72 18.90
N THR A 65 12.75 17.96 18.95
CA THR A 65 12.22 19.31 19.12
C THR A 65 12.50 19.88 20.51
N VAL A 66 12.34 19.04 21.54
CA VAL A 66 12.66 19.44 22.91
C VAL A 66 14.13 19.79 23.02
N LEU A 67 14.98 18.92 22.48
CA LEU A 67 16.41 19.17 22.45
C LEU A 67 16.71 20.47 21.70
N ALA A 68 15.97 20.71 20.63
CA ALA A 68 16.20 21.88 19.79
C ALA A 68 15.91 23.21 20.47
N GLU A 69 14.77 23.28 21.13
CA GLU A 69 14.33 24.50 21.78
C GLU A 69 15.07 24.74 23.10
N ASP A 70 15.68 23.69 23.65
CA ASP A 70 16.45 23.85 24.87
C ASP A 70 17.85 24.37 24.58
N LEU A 71 18.40 24.00 23.43
CA LEU A 71 19.74 24.43 23.07
C LEU A 71 19.69 25.83 22.49
N SER A 72 18.58 26.15 21.83
CA SER A 72 18.38 27.46 21.23
C SER A 72 18.36 28.60 22.25
N THR A 73 17.95 28.30 23.48
CA THR A 73 17.91 29.30 24.56
C THR A 73 19.05 29.22 25.57
N LEU A 74 20.29 29.43 25.15
CA LEU A 74 21.41 29.40 26.09
C LEU A 74 22.42 30.49 25.70
N ASP A 75 23.05 31.12 26.68
CA ASP A 75 23.92 32.27 26.41
C ASP A 75 25.27 31.93 25.80
N ALA A 76 25.24 31.29 24.64
CA ALA A 76 26.44 31.14 23.83
C ALA A 76 26.17 31.91 22.55
N GLY A 77 26.98 31.71 21.53
CA GLY A 77 26.73 32.44 20.30
C GLY A 77 25.87 31.56 19.42
N PRO A 78 25.29 32.14 18.36
CA PRO A 78 24.41 31.37 17.50
C PRO A 78 25.16 30.22 16.82
N GLU A 79 26.46 30.38 16.61
CA GLU A 79 27.28 29.35 16.00
C GLU A 79 27.36 28.10 16.88
N MET A 80 27.60 28.32 18.16
CA MET A 80 27.71 27.19 19.10
C MET A 80 26.37 26.48 19.27
N ARG A 81 25.29 27.26 19.36
CA ARG A 81 23.97 26.67 19.50
C ARG A 81 23.59 25.88 18.25
N LEU A 82 23.82 26.45 17.07
CA LEU A 82 23.52 25.74 15.84
C LEU A 82 24.36 24.49 15.69
N TRP A 83 25.66 24.60 15.97
CA TRP A 83 26.55 23.45 15.86
C TRP A 83 26.11 22.35 16.81
N ALA A 84 25.79 22.73 18.05
CA ALA A 84 25.38 21.78 19.06
C ALA A 84 24.08 21.09 18.65
N ILE A 85 23.15 21.85 18.09
CA ILE A 85 21.86 21.26 17.73
C ILE A 85 21.99 20.34 16.50
N VAL A 86 22.82 20.71 15.53
CA VAL A 86 23.01 19.84 14.37
C VAL A 86 23.65 18.52 14.80
N ALA A 87 24.74 18.60 15.56
CA ALA A 87 25.44 17.40 15.98
C ALA A 87 24.57 16.52 16.88
N SER A 88 23.80 17.13 17.77
CA SER A 88 22.96 16.37 18.70
C SER A 88 21.78 15.73 17.98
N GLU A 89 21.23 16.42 16.99
CA GLU A 89 20.13 15.87 16.19
C GLU A 89 20.59 14.70 15.30
N VAL A 90 21.77 14.82 14.71
CA VAL A 90 22.33 13.74 13.91
C VAL A 90 22.65 12.54 14.82
N ARG A 91 23.16 12.84 16.02
CA ARG A 91 23.41 11.83 17.05
C ARG A 91 22.15 11.03 17.36
N LEU A 92 21.02 11.74 17.46
CA LEU A 92 19.73 11.12 17.72
C LEU A 92 19.34 10.16 16.61
N LEU A 93 19.45 10.64 15.38
CA LEU A 93 19.05 9.88 14.20
C LEU A 93 19.97 8.69 13.96
N LEU A 94 21.15 8.71 14.58
CA LEU A 94 22.10 7.62 14.44
C LEU A 94 22.05 6.63 15.60
N SER A 95 21.17 6.90 16.57
CA SER A 95 21.18 6.12 17.80
C SER A 95 20.14 5.01 17.83
N THR A 96 19.35 4.91 16.76
CA THR A 96 18.22 4.00 16.73
C THR A 96 18.51 2.75 15.92
N LYS A 97 17.87 1.65 16.32
CA LYS A 97 18.02 0.36 15.67
C LYS A 97 17.62 0.42 14.20
N TRP A 98 16.60 1.21 13.90
CA TRP A 98 16.15 1.39 12.53
C TRP A 98 16.20 2.85 12.10
N ASN A 99 16.27 3.07 10.79
CA ASN A 99 16.38 4.40 10.22
C ASN A 99 15.01 5.08 10.17
N VAL A 100 14.48 5.45 11.34
CA VAL A 100 13.13 6.00 11.43
C VAL A 100 12.99 7.33 10.69
N GLY A 101 14.10 8.01 10.45
CA GLY A 101 14.09 9.23 9.66
C GLY A 101 13.57 9.03 8.24
N ARG A 102 13.68 7.80 7.75
CA ARG A 102 13.16 7.47 6.42
C ARG A 102 11.65 7.64 6.36
N LEU A 103 10.99 7.54 7.52
CA LEU A 103 9.54 7.64 7.60
C LEU A 103 9.00 9.01 7.23
N TYR A 104 9.81 10.05 7.49
CA TYR A 104 9.41 11.42 7.20
C TYR A 104 9.15 11.61 5.71
N GLN A 105 9.77 10.75 4.91
CA GLN A 105 9.75 10.89 3.46
C GLN A 105 8.56 10.19 2.81
N LEU A 106 7.77 9.47 3.60
CA LEU A 106 6.61 8.80 3.05
C LEU A 106 5.48 9.81 2.87
N PRO A 107 4.88 9.85 1.68
CA PRO A 107 3.82 10.80 1.34
C PRO A 107 2.68 10.80 2.35
N ILE A 108 2.43 9.65 2.96
CA ILE A 108 1.33 9.48 3.91
C ILE A 108 1.44 10.41 5.13
N VAL A 109 2.65 10.82 5.50
CA VAL A 109 2.83 11.62 6.72
C VAL A 109 2.29 13.03 6.53
N GLY A 110 2.04 13.40 5.29
CA GLY A 110 1.49 14.71 5.00
C GLY A 110 0.03 14.83 5.38
N SER A 111 -0.65 13.70 5.55
CA SER A 111 -2.09 13.71 5.83
C SER A 111 -2.39 14.34 7.18
N GLU A 112 -3.60 14.90 7.29
CA GLU A 112 -4.05 15.58 8.51
C GLU A 112 -3.90 14.75 9.78
N GLU A 113 -4.02 13.43 9.68
CA GLU A 113 -3.91 12.56 10.84
C GLU A 113 -2.58 12.74 11.58
N PHE A 114 -1.55 13.18 10.87
CA PHE A 114 -0.23 13.34 11.47
C PHE A 114 0.10 14.82 11.71
N ALA A 115 -0.94 15.61 12.01
CA ALA A 115 -0.81 17.04 12.27
C ALA A 115 0.16 17.37 13.41
N GLU A 116 0.19 16.53 14.44
CA GLU A 116 1.08 16.74 15.58
C GLU A 116 2.55 16.63 15.12
N TYR A 117 2.87 15.68 14.26
CA TYR A 117 4.21 15.57 13.70
C TYR A 117 4.57 16.81 12.88
N HIS A 118 3.61 17.31 12.10
CA HIS A 118 3.81 18.52 11.30
C HIS A 118 4.29 19.71 12.13
N SER A 119 3.61 19.99 13.23
CA SER A 119 3.97 21.10 14.11
C SER A 119 5.34 20.91 14.77
N GLN A 120 5.61 19.70 15.24
CA GLN A 120 6.91 19.39 15.84
C GLN A 120 8.02 19.65 14.82
N ARG A 121 7.77 19.21 13.59
CA ARG A 121 8.73 19.40 12.51
C ARG A 121 8.89 20.86 12.17
N GLU A 122 7.79 21.60 12.14
CA GLU A 122 7.82 23.03 11.88
C GLU A 122 8.60 23.77 12.96
N ALA A 123 8.39 23.37 14.21
CA ALA A 123 9.08 23.98 15.34
C ALA A 123 10.57 23.73 15.22
N LEU A 124 10.94 22.49 14.87
CA LEU A 124 12.33 22.12 14.68
C LEU A 124 12.96 22.93 13.56
N THR A 125 12.28 23.00 12.43
CA THR A 125 12.76 23.73 11.27
C THR A 125 12.93 25.22 11.57
N ASN A 126 12.00 25.78 12.34
CA ASN A 126 12.08 27.18 12.75
C ASN A 126 13.27 27.46 13.64
N VAL A 127 13.56 26.54 14.56
CA VAL A 127 14.72 26.66 15.44
C VAL A 127 16.01 26.74 14.63
N PHE A 128 16.15 25.84 13.65
CA PHE A 128 17.29 25.89 12.74
C PHE A 128 17.36 27.18 11.96
N ARG A 129 16.24 27.58 11.36
CA ARG A 129 16.18 28.78 10.53
C ARG A 129 16.51 30.05 11.31
N ASP A 130 15.95 30.18 12.50
CA ASP A 130 16.20 31.36 13.33
C ASP A 130 17.67 31.50 13.69
N LEU A 131 18.28 30.40 14.12
CA LEU A 131 19.71 30.37 14.44
C LEU A 131 20.57 30.77 13.25
N ALA A 132 20.27 30.19 12.09
CA ALA A 132 21.01 30.47 10.87
C ALA A 132 20.86 31.94 10.45
N THR A 133 19.65 32.47 10.59
CA THR A 133 19.42 33.88 10.21
C THR A 133 20.12 34.85 11.16
N GLU A 134 20.36 34.42 12.40
CA GLU A 134 21.17 35.23 13.32
C GLU A 134 22.59 35.35 12.77
N ILE A 135 23.01 34.36 12.01
CA ILE A 135 24.37 34.31 11.47
C ILE A 135 24.46 34.97 10.09
N VAL A 136 23.48 34.69 9.25
CA VAL A 136 23.60 35.04 7.84
C VAL A 136 22.55 36.08 7.40
N GLY A 137 21.63 36.42 8.30
CA GLY A 137 20.62 37.41 7.96
C GLY A 137 19.58 36.91 6.97
N ASP A 138 19.00 37.84 6.21
CA ASP A 138 17.99 37.51 5.21
C ASP A 138 18.69 36.92 3.99
N ASP A 139 18.98 35.63 4.10
CA ASP A 139 19.83 34.93 3.13
C ASP A 139 19.27 33.52 2.95
N PRO A 140 19.15 33.07 1.69
CA PRO A 140 18.60 31.73 1.42
C PRO A 140 19.42 30.60 2.03
N ARG A 141 20.69 30.85 2.34
CA ARG A 141 21.55 29.86 2.99
C ARG A 141 21.02 29.46 4.36
N ALA A 142 20.14 30.27 4.93
CA ALA A 142 19.60 30.00 6.25
C ALA A 142 18.76 28.72 6.26
N GLU A 143 18.31 28.31 5.08
CA GLU A 143 17.54 27.07 4.94
C GLU A 143 18.40 25.82 4.99
N LEU A 144 19.69 25.98 4.70
CA LEU A 144 20.58 24.83 4.47
C LEU A 144 20.93 23.95 5.67
N PRO A 145 21.20 24.53 6.86
CA PRO A 145 21.61 23.66 7.97
C PRO A 145 20.62 22.55 8.33
N PHE A 146 19.33 22.81 8.24
CA PHE A 146 18.34 21.79 8.54
C PHE A 146 18.41 20.63 7.53
N HIS A 147 18.52 20.96 6.25
CA HIS A 147 18.57 19.93 5.20
C HIS A 147 19.87 19.13 5.27
N ILE A 148 20.96 19.78 5.64
CA ILE A 148 22.24 19.13 5.84
C ILE A 148 22.16 18.13 6.98
N THR A 149 21.52 18.56 8.07
CA THR A 149 21.26 17.71 9.22
C THR A 149 20.48 16.44 8.84
N MET A 150 19.43 16.63 8.05
CA MET A 150 18.54 15.52 7.69
C MET A 150 19.17 14.57 6.68
N SER A 151 20.28 14.99 6.07
CA SER A 151 20.91 14.19 5.02
C SER A 151 21.52 12.90 5.59
N VAL A 152 21.68 12.84 6.91
CA VAL A 152 22.18 11.63 7.56
C VAL A 152 21.22 10.46 7.37
N ILE A 153 19.95 10.79 7.14
CA ILE A 153 18.93 9.78 6.89
C ILE A 153 19.27 8.99 5.62
N GLU A 154 20.00 9.64 4.71
CA GLU A 154 20.41 9.00 3.47
C GLU A 154 21.78 8.35 3.60
N MET A 155 22.38 8.44 4.79
CA MET A 155 23.73 7.94 4.98
C MET A 155 23.82 6.70 5.86
N ARG A 156 22.93 6.56 6.82
CA ARG A 156 23.08 5.50 7.80
C ARG A 156 22.48 4.17 7.34
N ARG A 157 22.91 3.10 7.99
CA ARG A 157 22.41 1.77 7.73
C ARG A 157 20.95 1.67 8.18
N ASN A 158 20.28 0.59 7.78
CA ASN A 158 18.93 0.33 8.23
C ASN A 158 18.69 -1.17 8.29
N ASP A 159 19.27 -1.83 9.30
CA ASP A 159 19.19 -3.28 9.37
C ASP A 159 19.00 -3.81 10.80
N GLY A 160 18.62 -2.93 11.72
CA GLY A 160 18.38 -3.34 13.09
C GLY A 160 19.58 -3.11 13.99
N LYS A 161 20.71 -2.79 13.37
CA LYS A 161 21.93 -2.51 14.11
C LYS A 161 22.12 -0.99 14.23
N ILE A 162 22.32 -0.54 15.45
CA ILE A 162 22.53 0.88 15.72
C ILE A 162 23.87 1.32 15.13
N PRO A 163 23.83 2.28 14.20
CA PRO A 163 25.05 2.81 13.57
C PRO A 163 26.00 3.43 14.61
N SER A 164 25.46 4.26 15.49
CA SER A 164 26.27 4.88 16.52
C SER A 164 25.54 4.88 17.87
N PRO A 165 25.84 3.90 18.71
CA PRO A 165 25.28 3.82 20.07
C PRO A 165 25.51 5.11 20.85
N LEU A 166 24.52 5.55 21.62
CA LEU A 166 24.62 6.77 22.39
C LEU A 166 25.83 6.74 23.34
N SER A 167 26.59 7.82 23.36
CA SER A 167 27.79 7.90 24.19
C SER A 167 27.89 9.21 24.94
N ALA A 168 28.51 9.18 26.12
CA ALA A 168 28.74 10.39 26.89
C ALA A 168 30.15 10.93 26.67
N ASP A 169 31.01 10.13 26.07
CA ASP A 169 32.41 10.49 25.91
C ASP A 169 32.72 11.08 24.54
N SER A 170 31.86 10.81 23.56
CA SER A 170 32.16 11.19 22.19
C SER A 170 30.93 11.46 21.32
N LEU A 171 31.15 12.15 20.20
CA LEU A 171 30.13 12.34 19.18
C LEU A 171 30.48 11.50 17.95
N PRO A 172 29.45 10.97 17.27
CA PRO A 172 29.68 10.20 16.03
C PRO A 172 30.36 11.05 14.97
N GLU A 173 31.25 10.44 14.20
CA GLU A 173 32.00 11.14 13.16
C GLU A 173 31.07 11.90 12.20
N THR A 174 30.01 11.24 11.77
CA THR A 174 29.07 11.82 10.82
C THR A 174 28.35 13.02 11.45
N ALA A 175 28.08 12.93 12.75
CA ALA A 175 27.48 14.05 13.47
C ALA A 175 28.41 15.26 13.46
N ILE A 176 29.68 15.04 13.73
CA ILE A 176 30.66 16.13 13.71
C ILE A 176 30.78 16.73 12.31
N MET A 177 30.87 15.86 11.30
CA MET A 177 31.01 16.30 9.92
C MET A 177 29.84 17.17 9.45
N LEU A 178 28.62 16.74 9.73
CA LEU A 178 27.44 17.46 9.28
C LEU A 178 27.27 18.80 10.01
N ALA A 179 27.64 18.83 11.29
CA ALA A 179 27.62 20.07 12.07
C ALA A 179 28.68 21.05 11.54
N ASP A 180 29.88 20.54 11.25
CA ASP A 180 30.91 21.36 10.63
C ASP A 180 30.43 21.90 9.28
N ALA A 181 29.79 21.03 8.51
CA ALA A 181 29.28 21.38 7.19
C ALA A 181 28.17 22.44 7.28
N SER A 182 27.34 22.33 8.31
CA SER A 182 26.24 23.27 8.51
C SER A 182 26.73 24.70 8.72
N LEU A 183 27.82 24.87 9.46
CA LEU A 183 28.40 26.20 9.67
C LEU A 183 29.19 26.67 8.46
N ALA A 184 29.91 25.74 7.82
CA ALA A 184 30.70 26.07 6.64
C ALA A 184 29.86 26.70 5.53
N VAL A 185 28.67 26.17 5.28
CA VAL A 185 27.82 26.70 4.22
C VAL A 185 27.34 28.11 4.56
N LEU A 186 27.36 28.42 5.85
CA LEU A 186 26.96 29.75 6.32
C LEU A 186 28.14 30.71 6.38
N GLY A 187 29.35 30.21 6.13
CA GLY A 187 30.55 31.02 6.23
C GLY A 187 30.90 31.37 7.67
N ALA A 188 30.39 30.57 8.61
CA ALA A 188 30.56 30.81 10.04
C ALA A 188 31.70 29.98 10.62
N PRO A 189 32.51 30.58 11.49
CA PRO A 189 33.63 29.84 12.08
C PRO A 189 33.20 28.73 13.03
N LEU A 190 33.97 27.65 13.06
CA LEU A 190 33.71 26.55 13.97
C LEU A 190 34.00 26.99 15.38
N PRO A 191 33.06 26.74 16.31
CA PRO A 191 33.24 27.12 17.72
C PRO A 191 34.41 26.37 18.37
N ALA A 192 34.97 26.95 19.42
CA ALA A 192 36.06 26.32 20.15
C ALA A 192 35.56 25.12 20.93
N ASP A 193 36.34 24.04 20.93
CA ASP A 193 36.00 22.84 21.70
C ASP A 193 34.59 22.35 21.41
N ARG A 194 34.28 22.20 20.13
CA ARG A 194 32.92 21.89 19.68
C ARG A 194 32.34 20.62 20.30
N VAL A 195 33.12 19.55 20.30
CA VAL A 195 32.63 18.27 20.78
C VAL A 195 32.40 18.30 22.29
N GLU A 196 33.41 18.72 23.03
CA GLU A 196 33.35 18.79 24.48
C GLU A 196 32.18 19.65 24.92
N LYS A 197 32.07 20.80 24.27
CA LYS A 197 31.05 21.80 24.59
C LYS A 197 29.66 21.21 24.36
N THR A 198 29.51 20.51 23.24
CA THR A 198 28.25 19.88 22.86
C THR A 198 27.84 18.72 23.76
N LEU A 199 28.80 17.84 24.06
CA LEU A 199 28.53 16.68 24.91
C LEU A 199 28.05 17.10 26.28
N GLU A 200 28.62 18.18 26.81
CA GLU A 200 28.17 18.68 28.11
C GLU A 200 26.76 19.26 28.02
N LEU A 201 26.47 19.98 26.94
CA LEU A 201 25.14 20.53 26.73
C LEU A 201 24.10 19.41 26.57
N ILE A 202 24.55 18.26 26.08
CA ILE A 202 23.67 17.10 25.94
C ILE A 202 23.45 16.48 27.31
N LYS A 203 24.51 16.45 28.10
CA LYS A 203 24.48 15.93 29.46
C LYS A 203 23.54 16.81 30.28
N GLN A 204 23.75 18.12 30.18
CA GLN A 204 22.93 19.13 30.84
C GLN A 204 21.44 18.99 30.57
N ALA A 205 21.11 18.60 29.35
CA ALA A 205 19.72 18.50 28.89
C ALA A 205 19.01 17.29 29.47
N ASP A 206 19.65 16.68 30.47
CA ASP A 206 19.13 15.49 31.14
C ASP A 206 19.03 14.34 30.15
N PRO B 6 0.05 13.17 -25.19
CA PRO B 6 -0.83 12.11 -24.71
C PRO B 6 -0.05 11.16 -23.84
N ARG B 7 1.13 10.79 -24.34
CA ARG B 7 2.04 9.93 -23.64
C ARG B 7 2.66 10.67 -22.47
N GLU B 8 2.93 11.94 -22.70
CA GLU B 8 3.55 12.82 -21.71
C GLU B 8 2.52 13.29 -20.68
N GLU B 9 1.26 13.36 -21.09
CA GLU B 9 0.18 13.71 -20.18
C GLU B 9 -0.01 12.63 -19.11
N ILE B 10 0.06 11.37 -19.54
CA ILE B 10 -0.03 10.25 -18.64
C ILE B 10 1.12 10.27 -17.62
N LEU B 11 2.32 10.58 -18.09
CA LEU B 11 3.50 10.61 -17.23
C LEU B 11 3.40 11.73 -16.20
N ASP B 12 2.92 12.89 -16.64
CA ASP B 12 2.71 14.03 -15.75
C ASP B 12 1.73 13.68 -14.63
N ALA B 13 0.58 13.12 -15.00
CA ALA B 13 -0.45 12.77 -14.03
C ALA B 13 0.06 11.70 -13.06
N SER B 14 0.83 10.75 -13.59
CA SER B 14 1.42 9.69 -12.76
C SER B 14 2.44 10.27 -11.79
N ALA B 15 3.23 11.22 -12.26
CA ALA B 15 4.20 11.91 -11.42
C ALA B 15 3.51 12.55 -10.23
N GLU B 16 2.42 13.28 -10.49
CA GLU B 16 1.64 13.89 -9.42
C GLU B 16 1.14 12.85 -8.43
N LEU B 17 0.47 11.82 -8.95
CA LEU B 17 -0.07 10.78 -8.10
C LEU B 17 1.01 10.03 -7.31
N PHE B 18 2.10 9.66 -7.98
CA PHE B 18 3.17 8.94 -7.31
C PHE B 18 3.85 9.76 -6.21
N THR B 19 4.19 11.01 -6.52
CA THR B 19 4.86 11.87 -5.56
C THR B 19 3.96 12.26 -4.39
N ARG B 20 2.65 12.25 -4.62
CA ARG B 20 1.71 12.65 -3.58
C ARG B 20 1.21 11.48 -2.74
N GLN B 21 1.06 10.31 -3.36
CA GLN B 21 0.43 9.17 -2.70
C GLN B 21 1.41 8.03 -2.45
N GLY B 22 2.52 8.05 -3.18
CA GLY B 22 3.42 6.91 -3.19
C GLY B 22 2.98 5.91 -4.23
N PHE B 23 3.68 4.79 -4.29
CA PHE B 23 3.50 3.80 -5.34
C PHE B 23 2.33 2.85 -5.06
N ALA B 24 2.31 2.28 -3.87
CA ALA B 24 1.37 1.20 -3.54
C ALA B 24 -0.10 1.57 -3.70
N THR B 25 -0.48 2.77 -3.28
CA THR B 25 -1.88 3.18 -3.27
C THR B 25 -2.35 3.76 -4.62
N THR B 26 -1.42 4.29 -5.40
CA THR B 26 -1.76 4.83 -6.71
C THR B 26 -2.23 3.71 -7.64
N SER B 27 -3.36 3.91 -8.32
CA SER B 27 -3.87 2.86 -9.21
C SER B 27 -3.89 3.33 -10.65
N THR B 28 -3.93 2.38 -11.58
CA THR B 28 -4.00 2.70 -13.00
C THR B 28 -5.34 3.36 -13.31
N HIS B 29 -6.38 2.98 -12.56
CA HIS B 29 -7.69 3.59 -12.68
CA HIS B 29 -7.68 3.60 -12.75
C HIS B 29 -7.63 5.08 -12.39
N GLN B 30 -6.88 5.44 -11.36
CA GLN B 30 -6.68 6.84 -10.99
C GLN B 30 -5.92 7.63 -12.05
N ILE B 31 -4.87 7.01 -12.59
CA ILE B 31 -4.04 7.68 -13.59
C ILE B 31 -4.87 7.94 -14.85
N ALA B 32 -5.62 6.93 -15.27
CA ALA B 32 -6.47 7.03 -16.46
C ALA B 32 -7.56 8.08 -16.26
N ASP B 33 -8.19 8.06 -15.08
CA ASP B 33 -9.20 9.05 -14.72
C ASP B 33 -8.63 10.46 -14.68
N ALA B 34 -7.41 10.61 -14.19
CA ALA B 34 -6.76 11.91 -14.08
C ALA B 34 -6.62 12.58 -15.45
N VAL B 35 -6.23 11.81 -16.45
CA VAL B 35 -6.02 12.39 -17.77
C VAL B 35 -7.29 12.33 -18.62
N GLY B 36 -8.33 11.67 -18.10
CA GLY B 36 -9.62 11.65 -18.77
C GLY B 36 -9.72 10.69 -19.95
N ILE B 37 -9.04 9.55 -19.86
CA ILE B 37 -9.12 8.53 -20.91
C ILE B 37 -9.60 7.20 -20.37
N ARG B 38 -10.02 6.31 -21.26
CA ARG B 38 -10.43 4.97 -20.86
C ARG B 38 -9.21 4.20 -20.38
N GLN B 39 -9.40 3.22 -19.50
CA GLN B 39 -8.28 2.46 -18.98
C GLN B 39 -7.64 1.60 -20.06
N ALA B 40 -8.46 1.14 -21.00
CA ALA B 40 -7.99 0.41 -22.15
C ALA B 40 -7.05 1.28 -22.96
N SER B 41 -7.36 2.58 -22.99
CA SER B 41 -6.56 3.55 -23.71
C SER B 41 -5.23 3.82 -23.00
N LEU B 42 -5.25 3.78 -21.68
CA LEU B 42 -4.03 3.93 -20.89
C LEU B 42 -3.11 2.73 -21.11
N TYR B 43 -3.69 1.54 -21.19
CA TYR B 43 -2.94 0.29 -21.41
C TYR B 43 -2.14 0.24 -22.73
N TYR B 44 -2.67 0.87 -23.78
CA TYR B 44 -2.02 1.04 -25.08
C TYR B 44 -0.66 1.62 -24.95
N HIS B 45 -0.64 2.59 -24.06
CA HIS B 45 0.43 3.49 -23.70
C HIS B 45 1.40 2.95 -22.67
N PHE B 46 0.90 2.23 -21.66
CA PHE B 46 1.73 1.60 -20.63
C PHE B 46 1.06 0.31 -20.14
N PRO B 47 1.83 -0.79 -20.00
CA PRO B 47 1.26 -2.07 -19.57
C PRO B 47 0.94 -2.13 -18.07
N SER B 48 1.72 -1.43 -17.26
CA SER B 48 1.58 -1.47 -15.81
C SER B 48 2.00 -0.14 -15.17
N LYS B 49 1.57 0.10 -13.94
CA LYS B 49 2.01 1.30 -13.23
C LYS B 49 3.53 1.23 -12.99
N THR B 50 4.07 0.02 -12.84
CA THR B 50 5.51 -0.17 -12.63
C THR B 50 6.31 0.34 -13.84
N GLU B 51 5.81 0.08 -15.04
CA GLU B 51 6.48 0.53 -16.27
C GLU B 51 6.40 2.04 -16.35
N ILE B 52 5.28 2.60 -15.90
CA ILE B 52 5.15 4.05 -15.77
C ILE B 52 6.15 4.60 -14.77
N PHE B 53 6.20 3.97 -13.61
CA PHE B 53 7.07 4.38 -12.52
C PHE B 53 8.53 4.33 -12.96
N LEU B 54 8.88 3.27 -13.70
CA LEU B 54 10.23 3.15 -14.24
C LEU B 54 10.52 4.23 -15.28
N THR B 55 9.57 4.45 -16.20
CA THR B 55 9.71 5.45 -17.25
C THR B 55 9.97 6.83 -16.65
N LEU B 56 9.24 7.17 -15.60
CA LEU B 56 9.46 8.41 -14.87
C LEU B 56 10.85 8.48 -14.29
N LEU B 57 11.21 7.43 -13.56
CA LEU B 57 12.45 7.36 -12.81
C LEU B 57 13.69 7.48 -13.70
N LYS B 58 13.66 6.87 -14.88
CA LYS B 58 14.83 6.91 -15.75
C LYS B 58 14.95 8.17 -16.59
N SER B 59 13.81 8.75 -16.94
CA SER B 59 13.79 10.03 -17.62
C SER B 59 14.27 11.13 -16.69
N THR B 60 14.40 10.81 -15.41
CA THR B 60 14.79 11.79 -14.43
C THR B 60 16.28 11.80 -14.09
N VAL B 61 16.93 10.64 -14.17
CA VAL B 61 18.33 10.59 -13.75
C VAL B 61 19.27 10.34 -14.93
N GLU B 62 18.75 9.64 -15.94
CA GLU B 62 19.53 9.33 -17.14
C GLU B 62 20.09 10.60 -17.78
N PRO B 63 19.29 11.68 -17.89
CA PRO B 63 19.91 12.89 -18.43
C PRO B 63 21.05 13.38 -17.56
N SER B 64 21.01 13.14 -16.26
CA SER B 64 22.09 13.58 -15.39
C SER B 64 23.38 12.78 -15.58
N THR B 65 23.23 11.46 -15.64
CA THR B 65 24.37 10.57 -15.78
C THR B 65 25.05 10.74 -17.14
N VAL B 66 24.23 10.93 -18.17
CA VAL B 66 24.77 11.16 -19.51
C VAL B 66 25.61 12.43 -19.52
N LEU B 67 25.00 13.50 -19.03
CA LEU B 67 25.68 14.79 -18.88
C LEU B 67 26.86 14.70 -17.94
N ALA B 68 26.73 13.88 -16.89
CA ALA B 68 27.75 13.84 -15.84
C ALA B 68 29.11 13.39 -16.36
N GLU B 69 29.16 12.36 -17.19
CA GLU B 69 30.47 11.82 -17.61
C GLU B 69 31.14 12.71 -18.63
N ASP B 70 30.33 13.48 -19.34
CA ASP B 70 30.90 14.32 -20.39
C ASP B 70 31.45 15.59 -19.75
N LEU B 71 30.83 16.01 -18.65
CA LEU B 71 31.31 17.20 -17.93
C LEU B 71 32.40 16.80 -16.94
N SER B 72 32.31 15.61 -16.37
CA SER B 72 33.37 15.15 -15.48
C SER B 72 34.67 14.99 -16.26
N THR B 73 34.54 14.70 -17.56
CA THR B 73 35.72 14.57 -18.42
C THR B 73 36.03 15.77 -19.33
N LEU B 74 35.89 17.00 -18.83
CA LEU B 74 36.25 18.17 -19.64
C LEU B 74 37.45 18.92 -19.06
N ASP B 75 37.91 19.92 -19.81
CA ASP B 75 39.15 20.62 -19.49
C ASP B 75 39.09 21.71 -18.43
N ALA B 76 38.61 21.37 -17.24
CA ALA B 76 38.75 22.28 -16.12
C ALA B 76 39.50 21.63 -14.97
N GLY B 77 39.19 22.07 -13.75
CA GLY B 77 39.78 21.49 -12.55
C GLY B 77 38.66 20.80 -11.80
N PRO B 78 38.99 19.98 -10.80
CA PRO B 78 37.94 19.25 -10.07
C PRO B 78 36.96 20.18 -9.33
N GLU B 79 37.41 21.35 -8.91
CA GLU B 79 36.53 22.30 -8.24
C GLU B 79 35.45 22.75 -9.21
N MET B 80 35.88 23.06 -10.43
CA MET B 80 34.98 23.55 -11.46
CA MET B 80 34.98 23.55 -11.46
C MET B 80 34.02 22.46 -11.95
N ARG B 81 34.57 21.28 -12.17
CA ARG B 81 33.80 20.15 -12.65
C ARG B 81 32.74 19.73 -11.62
N LEU B 82 33.11 19.68 -10.34
CA LEU B 82 32.15 19.37 -9.30
C LEU B 82 31.06 20.44 -9.22
N TRP B 83 31.45 21.70 -9.28
CA TRP B 83 30.51 22.82 -9.21
C TRP B 83 29.51 22.73 -10.36
N ALA B 84 30.03 22.40 -11.54
CA ALA B 84 29.19 22.26 -12.74
C ALA B 84 28.19 21.11 -12.61
N ILE B 85 28.64 19.97 -12.07
CA ILE B 85 27.76 18.80 -11.98
C ILE B 85 26.70 19.02 -10.88
N VAL B 86 27.07 19.68 -9.79
CA VAL B 86 26.11 19.99 -8.75
C VAL B 86 25.06 20.94 -9.31
N ALA B 87 25.52 22.00 -9.96
CA ALA B 87 24.64 23.02 -10.52
C ALA B 87 23.71 22.45 -11.61
N SER B 88 24.24 21.55 -12.44
CA SER B 88 23.46 20.99 -13.53
C SER B 88 22.38 20.04 -13.02
N GLU B 89 22.72 19.29 -11.99
CA GLU B 89 21.77 18.35 -11.39
C GLU B 89 20.63 19.06 -10.66
N VAL B 90 20.96 20.13 -9.94
CA VAL B 90 19.94 20.91 -9.26
C VAL B 90 19.05 21.61 -10.29
N ARG B 91 19.69 22.11 -11.34
CA ARG B 91 19.02 22.72 -12.49
C ARG B 91 17.94 21.79 -13.05
N LEU B 92 18.31 20.52 -13.24
CA LEU B 92 17.40 19.50 -13.72
C LEU B 92 16.22 19.24 -12.78
N LEU B 93 16.52 19.10 -11.50
CA LEU B 93 15.50 18.74 -10.52
C LEU B 93 14.48 19.86 -10.31
N LEU B 94 14.82 21.07 -10.72
CA LEU B 94 13.94 22.23 -10.58
C LEU B 94 13.18 22.49 -11.88
N SER B 95 13.44 21.68 -12.90
CA SER B 95 12.92 21.94 -14.23
C SER B 95 11.63 21.17 -14.54
N THR B 96 11.17 20.38 -13.59
CA THR B 96 10.03 19.50 -13.82
C THR B 96 8.73 20.04 -13.21
N LYS B 97 7.60 19.71 -13.84
CA LYS B 97 6.28 20.13 -13.36
C LYS B 97 5.99 19.59 -11.98
N TRP B 98 6.43 18.36 -11.73
CA TRP B 98 6.26 17.73 -10.44
C TRP B 98 7.63 17.33 -9.88
N ASN B 99 7.70 17.17 -8.57
CA ASN B 99 8.96 16.87 -7.90
C ASN B 99 9.32 15.39 -8.01
N VAL B 100 9.68 14.97 -9.22
CA VAL B 100 9.93 13.56 -9.51
C VAL B 100 11.10 12.98 -8.72
N GLY B 101 11.99 13.85 -8.23
CA GLY B 101 13.06 13.43 -7.35
C GLY B 101 12.57 12.78 -6.06
N ARG B 102 11.33 13.11 -5.66
CA ARG B 102 10.73 12.54 -4.47
C ARG B 102 10.54 11.03 -4.58
N LEU B 103 10.46 10.56 -5.82
CA LEU B 103 10.20 9.14 -6.11
C LEU B 103 11.32 8.23 -5.62
N TYR B 104 12.52 8.76 -5.51
CA TYR B 104 13.69 8.00 -5.07
C TYR B 104 13.53 7.46 -3.66
N GLN B 105 12.70 8.14 -2.88
CA GLN B 105 12.58 7.86 -1.46
C GLN B 105 11.53 6.79 -1.16
N LEU B 106 10.81 6.37 -2.20
CA LEU B 106 9.76 5.37 -2.06
C LEU B 106 10.34 3.96 -1.97
N PRO B 107 9.89 3.18 -0.98
CA PRO B 107 10.41 1.85 -0.68
C PRO B 107 10.45 0.92 -1.90
N ILE B 108 9.51 1.10 -2.82
CA ILE B 108 9.43 0.26 -4.00
C ILE B 108 10.68 0.34 -4.89
N VAL B 109 11.42 1.44 -4.83
CA VAL B 109 12.54 1.64 -5.76
C VAL B 109 13.72 0.71 -5.47
N GLY B 110 13.75 0.12 -4.27
CA GLY B 110 14.80 -0.80 -3.90
C GLY B 110 14.67 -2.15 -4.57
N SER B 111 13.47 -2.45 -5.05
CA SER B 111 13.20 -3.76 -5.65
C SER B 111 14.02 -3.99 -6.92
N GLU B 112 14.26 -5.27 -7.22
CA GLU B 112 15.02 -5.68 -8.40
C GLU B 112 14.51 -5.13 -9.73
N GLU B 113 13.21 -4.86 -9.85
CA GLU B 113 12.69 -4.30 -11.10
C GLU B 113 13.37 -3.00 -11.50
N PHE B 114 13.89 -2.26 -10.53
CA PHE B 114 14.45 -0.95 -10.81
C PHE B 114 15.98 -0.98 -10.83
N ALA B 115 16.52 -2.12 -11.23
CA ALA B 115 17.97 -2.31 -11.35
C ALA B 115 18.61 -1.29 -12.28
N GLU B 116 17.88 -0.90 -13.33
CA GLU B 116 18.40 0.07 -14.29
C GLU B 116 18.60 1.43 -13.60
N TYR B 117 17.65 1.84 -12.75
CA TYR B 117 17.78 3.06 -11.97
C TYR B 117 18.91 2.98 -10.93
N HIS B 118 19.00 1.83 -10.25
CA HIS B 118 20.06 1.59 -9.26
C HIS B 118 21.43 1.86 -9.86
N SER B 119 21.67 1.29 -11.03
CA SER B 119 22.94 1.44 -11.72
C SER B 119 23.23 2.89 -12.10
N GLN B 120 22.24 3.56 -12.68
CA GLN B 120 22.38 4.97 -13.04
C GLN B 120 22.61 5.84 -11.81
N ARG B 121 21.89 5.58 -10.74
CA ARG B 121 22.08 6.34 -9.50
C ARG B 121 23.47 6.10 -8.92
N GLU B 122 23.93 4.84 -8.95
CA GLU B 122 25.26 4.52 -8.45
C GLU B 122 26.33 5.24 -9.26
N ALA B 123 26.15 5.28 -10.58
CA ALA B 123 27.09 5.92 -11.49
C ALA B 123 27.22 7.42 -11.20
N LEU B 124 26.10 8.07 -10.97
CA LEU B 124 26.09 9.49 -10.64
C LEU B 124 26.79 9.73 -9.29
N THR B 125 26.44 8.92 -8.31
CA THR B 125 27.01 9.03 -6.98
C THR B 125 28.53 8.87 -7.01
N ASN B 126 29.00 7.97 -7.88
CA ASN B 126 30.44 7.77 -8.05
C ASN B 126 31.12 9.01 -8.60
N VAL B 127 30.47 9.66 -9.56
CA VAL B 127 31.00 10.87 -10.18
C VAL B 127 31.19 11.99 -9.15
N PHE B 128 30.16 12.22 -8.33
CA PHE B 128 30.24 13.21 -7.26
C PHE B 128 31.36 12.86 -6.28
N ARG B 129 31.39 11.61 -5.84
CA ARG B 129 32.38 11.16 -4.87
C ARG B 129 33.82 11.22 -5.40
N ASP B 130 34.03 10.75 -6.63
CA ASP B 130 35.38 10.76 -7.22
C ASP B 130 35.92 12.17 -7.39
N LEU B 131 35.10 13.06 -7.93
CA LEU B 131 35.49 14.46 -8.08
C LEU B 131 35.81 15.09 -6.74
N ALA B 132 34.95 14.86 -5.75
CA ALA B 132 35.14 15.40 -4.41
C ALA B 132 36.44 14.89 -3.77
N THR B 133 36.75 13.61 -3.95
CA THR B 133 37.96 13.05 -3.36
C THR B 133 39.23 13.63 -3.98
N GLU B 134 39.15 14.08 -5.22
CA GLU B 134 40.26 14.79 -5.85
C GLU B 134 40.58 16.06 -5.09
N ILE B 135 39.57 16.60 -4.40
CA ILE B 135 39.72 17.86 -3.70
C ILE B 135 40.17 17.65 -2.24
N VAL B 136 39.59 16.67 -1.56
CA VAL B 136 39.80 16.51 -0.12
C VAL B 136 40.49 15.20 0.22
N GLY B 137 40.76 14.37 -0.78
CA GLY B 137 41.39 13.08 -0.56
C GLY B 137 40.47 12.08 0.09
N ASP B 138 41.04 11.12 0.81
CA ASP B 138 40.23 10.11 1.49
C ASP B 138 39.64 10.72 2.75
N ASP B 139 38.51 11.40 2.56
CA ASP B 139 37.90 12.24 3.58
C ASP B 139 36.39 12.01 3.52
N PRO B 140 35.75 11.79 4.66
CA PRO B 140 34.30 11.53 4.69
C PRO B 140 33.45 12.68 4.12
N ARG B 141 34.02 13.88 4.06
CA ARG B 141 33.33 15.03 3.48
C ARG B 141 33.04 14.83 1.99
N ALA B 142 33.74 13.89 1.36
CA ALA B 142 33.59 13.61 -0.06
C ALA B 142 32.20 13.09 -0.42
N GLU B 143 31.47 12.61 0.58
CA GLU B 143 30.10 12.13 0.40
C GLU B 143 29.10 13.28 0.32
N LEU B 144 29.49 14.43 0.85
CA LEU B 144 28.55 15.53 1.07
C LEU B 144 28.00 16.23 -0.19
N PRO B 145 28.82 16.48 -1.23
CA PRO B 145 28.28 17.21 -2.39
C PRO B 145 27.03 16.59 -3.03
N PHE B 146 26.96 15.26 -3.08
CA PHE B 146 25.80 14.58 -3.65
C PHE B 146 24.54 14.82 -2.82
N HIS B 147 24.65 14.69 -1.51
CA HIS B 147 23.51 14.87 -0.62
C HIS B 147 23.05 16.32 -0.58
N ILE B 148 24.01 17.23 -0.67
CA ILE B 148 23.73 18.65 -0.72
C ILE B 148 22.94 18.95 -1.99
N THR B 149 23.39 18.34 -3.07
CA THR B 149 22.69 18.46 -4.34
C THR B 149 21.24 17.96 -4.23
N MET B 150 21.06 16.78 -3.63
CA MET B 150 19.74 16.15 -3.56
C MET B 150 18.78 16.84 -2.60
N SER B 151 19.31 17.72 -1.75
CA SER B 151 18.48 18.37 -0.75
C SER B 151 17.49 19.35 -1.40
N VAL B 152 17.70 19.68 -2.67
CA VAL B 152 16.77 20.56 -3.39
C VAL B 152 15.40 19.90 -3.52
N ILE B 153 15.37 18.58 -3.50
CA ILE B 153 14.12 17.82 -3.56
C ILE B 153 13.25 18.15 -2.35
N GLU B 154 13.88 18.52 -1.24
CA GLU B 154 13.16 18.86 -0.02
C GLU B 154 12.85 20.36 0.05
N MET B 155 13.29 21.12 -0.94
CA MET B 155 13.17 22.57 -0.91
C MET B 155 12.14 23.09 -1.90
N ARG B 156 11.98 22.40 -3.02
CA ARG B 156 11.16 22.91 -4.12
C ARG B 156 9.69 22.59 -3.94
N ARG B 157 8.86 23.33 -4.66
CA ARG B 157 7.42 23.10 -4.69
C ARG B 157 7.08 21.79 -5.39
N ASN B 158 5.82 21.37 -5.27
CA ASN B 158 5.34 20.22 -6.01
C ASN B 158 3.85 20.39 -6.29
N ASP B 159 3.50 21.26 -7.23
CA ASP B 159 2.09 21.57 -7.44
C ASP B 159 1.71 21.71 -8.91
N GLY B 160 2.58 21.24 -9.79
CA GLY B 160 2.34 21.29 -11.22
C GLY B 160 2.97 22.48 -11.91
N LYS B 161 3.48 23.43 -11.12
CA LYS B 161 4.17 24.58 -11.68
C LYS B 161 5.68 24.36 -11.61
N ILE B 162 6.36 24.54 -12.74
CA ILE B 162 7.81 24.39 -12.77
C ILE B 162 8.47 25.53 -12.00
N PRO B 163 9.19 25.20 -10.90
CA PRO B 163 9.85 26.23 -10.10
C PRO B 163 10.87 27.04 -10.93
N SER B 164 11.68 26.36 -11.72
CA SER B 164 12.65 27.05 -12.58
C SER B 164 12.67 26.39 -13.95
N PRO B 165 11.91 26.96 -14.91
CA PRO B 165 11.89 26.47 -16.29
C PRO B 165 13.30 26.34 -16.83
N LEU B 166 13.57 25.27 -17.57
CA LEU B 166 14.92 25.00 -18.05
C LEU B 166 15.42 26.18 -18.88
N SER B 167 16.62 26.65 -18.55
CA SER B 167 17.21 27.78 -19.24
C SER B 167 18.68 27.55 -19.55
N ALA B 168 19.12 28.08 -20.69
CA ALA B 168 20.51 28.04 -21.10
C ALA B 168 21.22 29.35 -20.81
N ASP B 169 20.46 30.36 -20.39
CA ASP B 169 21.00 31.71 -20.21
C ASP B 169 21.43 32.03 -18.78
N SER B 170 20.86 31.32 -17.81
CA SER B 170 21.14 31.60 -16.41
C SER B 170 20.95 30.33 -15.59
N LEU B 171 21.50 30.32 -14.39
CA LEU B 171 21.28 29.21 -13.47
C LEU B 171 20.33 29.68 -12.37
N PRO B 172 19.47 28.78 -11.90
CA PRO B 172 18.57 29.10 -10.78
C PRO B 172 19.37 29.44 -9.53
N GLU B 173 18.89 30.41 -8.74
CA GLU B 173 19.59 30.84 -7.53
C GLU B 173 19.92 29.67 -6.62
N THR B 174 18.97 28.75 -6.47
CA THR B 174 19.15 27.59 -5.62
C THR B 174 20.25 26.67 -6.15
N ALA B 175 20.33 26.55 -7.47
CA ALA B 175 21.38 25.76 -8.10
C ALA B 175 22.76 26.32 -7.77
N ILE B 176 22.91 27.64 -7.90
CA ILE B 176 24.16 28.30 -7.57
C ILE B 176 24.47 28.15 -6.09
N MET B 177 23.45 28.35 -5.24
CA MET B 177 23.62 28.25 -3.79
C MET B 177 24.11 26.87 -3.35
N LEU B 178 23.48 25.83 -3.86
CA LEU B 178 23.83 24.47 -3.47
C LEU B 178 25.20 24.09 -4.02
N ALA B 179 25.53 24.58 -5.22
CA ALA B 179 26.84 24.36 -5.80
C ALA B 179 27.92 25.09 -5.00
N ASP B 180 27.65 26.34 -4.63
CA ASP B 180 28.56 27.08 -3.75
C ASP B 180 28.73 26.37 -2.41
N ALA B 181 27.63 25.84 -1.89
CA ALA B 181 27.65 25.11 -0.63
C ALA B 181 28.51 23.86 -0.73
N SER B 182 28.43 23.19 -1.88
CA SER B 182 29.18 21.94 -2.10
C SER B 182 30.68 22.11 -2.00
N LEU B 183 31.20 23.23 -2.50
CA LEU B 183 32.63 23.51 -2.38
C LEU B 183 33.02 24.05 -1.00
N ALA B 184 32.15 24.88 -0.43
CA ALA B 184 32.38 25.45 0.89
C ALA B 184 32.59 24.34 1.91
N VAL B 185 31.80 23.30 1.79
CA VAL B 185 31.86 22.17 2.69
C VAL B 185 33.17 21.41 2.53
N LEU B 186 33.74 21.50 1.33
CA LEU B 186 35.02 20.86 1.02
C LEU B 186 36.17 21.81 1.34
N GLY B 187 35.82 23.03 1.75
CA GLY B 187 36.81 24.04 2.05
C GLY B 187 37.53 24.52 0.81
N ALA B 188 36.91 24.33 -0.35
CA ALA B 188 37.53 24.70 -1.61
C ALA B 188 36.96 26.04 -2.06
N PRO B 189 37.84 26.95 -2.49
CA PRO B 189 37.39 28.28 -2.93
C PRO B 189 36.60 28.20 -4.23
N LEU B 190 35.64 29.11 -4.40
CA LEU B 190 34.82 29.13 -5.60
C LEU B 190 35.69 29.49 -6.80
N PRO B 191 35.59 28.68 -7.87
CA PRO B 191 36.36 28.92 -9.09
C PRO B 191 35.90 30.21 -9.79
N ALA B 192 36.79 30.83 -10.55
CA ALA B 192 36.45 32.04 -11.28
C ALA B 192 35.50 31.75 -12.44
N ASP B 193 34.51 32.61 -12.60
CA ASP B 193 33.52 32.52 -13.69
C ASP B 193 32.85 31.15 -13.78
N ARG B 194 32.42 30.63 -12.62
CA ARG B 194 31.82 29.30 -12.55
C ARG B 194 30.51 29.14 -13.32
N VAL B 195 29.63 30.13 -13.23
CA VAL B 195 28.31 30.03 -13.84
C VAL B 195 28.36 30.00 -15.37
N GLU B 196 29.05 30.99 -15.95
CA GLU B 196 29.17 31.10 -17.41
C GLU B 196 29.75 29.83 -18.01
N LYS B 197 30.82 29.36 -17.39
CA LYS B 197 31.53 28.17 -17.79
C LYS B 197 30.64 26.96 -17.67
N THR B 198 29.86 26.90 -16.60
CA THR B 198 28.94 25.78 -16.41
C THR B 198 27.91 25.80 -17.53
N LEU B 199 27.40 26.99 -17.85
CA LEU B 199 26.43 27.13 -18.93
C LEU B 199 27.03 26.67 -20.26
N GLU B 200 28.30 27.00 -20.47
CA GLU B 200 29.00 26.53 -21.66
C GLU B 200 29.21 25.02 -21.54
N LEU B 201 29.64 24.59 -20.36
CA LEU B 201 29.81 23.16 -20.08
C LEU B 201 28.47 22.40 -20.11
N ILE B 202 27.35 23.09 -20.00
CA ILE B 202 26.04 22.45 -20.14
C ILE B 202 25.67 22.19 -21.62
N LYS B 203 26.05 23.11 -22.50
CA LYS B 203 25.66 23.09 -23.92
C LYS B 203 26.18 22.00 -24.89
N GLN B 204 27.49 21.75 -24.91
CA GLN B 204 28.15 20.76 -25.80
C GLN B 204 27.20 19.92 -26.71
N ASN C 5 -15.64 -25.45 -16.84
CA ASN C 5 -15.21 -24.78 -15.60
C ASN C 5 -14.01 -23.83 -15.72
N PRO C 6 -14.21 -22.78 -16.53
CA PRO C 6 -13.17 -21.82 -16.93
C PRO C 6 -12.58 -21.15 -15.69
N ARG C 7 -13.43 -20.75 -14.75
CA ARG C 7 -12.97 -20.09 -13.55
C ARG C 7 -12.18 -21.01 -12.64
N GLU C 8 -12.59 -22.27 -12.54
CA GLU C 8 -11.88 -23.21 -11.68
C GLU C 8 -10.60 -23.71 -12.34
N GLU C 9 -10.60 -23.77 -13.67
CA GLU C 9 -9.38 -24.12 -14.39
C GLU C 9 -8.33 -23.03 -14.21
N ILE C 10 -8.78 -21.78 -14.22
CA ILE C 10 -7.90 -20.65 -13.98
C ILE C 10 -7.29 -20.74 -12.58
N LEU C 11 -8.12 -21.11 -11.61
CA LEU C 11 -7.67 -21.23 -10.23
C LEU C 11 -6.67 -22.40 -10.09
N ASP C 12 -6.96 -23.50 -10.78
CA ASP C 12 -6.07 -24.67 -10.80
C ASP C 12 -4.69 -24.33 -11.36
N ALA C 13 -4.67 -23.68 -12.52
CA ALA C 13 -3.42 -23.31 -13.18
C ALA C 13 -2.64 -22.31 -12.36
N SER C 14 -3.38 -21.39 -11.72
CA SER C 14 -2.79 -20.37 -10.87
C SER C 14 -2.16 -20.98 -9.63
N ALA C 15 -2.83 -21.97 -9.06
CA ALA C 15 -2.29 -22.70 -7.93
C ALA C 15 -0.94 -23.30 -8.28
N GLU C 16 -0.88 -23.96 -9.43
CA GLU C 16 0.36 -24.56 -9.89
C GLU C 16 1.47 -23.51 -10.08
N LEU C 17 1.18 -22.45 -10.82
CA LEU C 17 2.16 -21.41 -11.10
C LEU C 17 2.66 -20.71 -9.85
N PHE C 18 1.76 -20.35 -8.94
CA PHE C 18 2.14 -19.67 -7.71
C PHE C 18 3.01 -20.52 -6.79
N THR C 19 2.64 -21.78 -6.58
CA THR C 19 3.41 -22.65 -5.69
C THR C 19 4.77 -22.99 -6.28
N ARG C 20 4.89 -22.93 -7.60
CA ARG C 20 6.15 -23.25 -8.27
C ARG C 20 7.05 -22.03 -8.46
N GLN C 21 6.45 -20.86 -8.66
CA GLN C 21 7.23 -19.68 -9.00
C GLN C 21 7.21 -18.61 -7.90
N GLY C 22 6.25 -18.72 -6.99
CA GLY C 22 6.03 -17.65 -6.02
C GLY C 22 5.14 -16.61 -6.65
N PHE C 23 4.87 -15.54 -5.91
CA PHE C 23 3.89 -14.53 -6.34
C PHE C 23 4.44 -13.52 -7.34
N ALA C 24 5.59 -12.92 -7.01
CA ALA C 24 6.14 -11.80 -7.77
C ALA C 24 6.41 -12.12 -9.24
N THR C 25 6.92 -13.32 -9.51
CA THR C 25 7.32 -13.67 -10.87
C THR C 25 6.18 -14.20 -11.75
N THR C 26 5.14 -14.77 -11.13
CA THR C 26 4.01 -15.29 -11.89
C THR C 26 3.23 -14.17 -12.59
N SER C 27 2.90 -14.36 -13.87
CA SER C 27 2.14 -13.35 -14.59
C SER C 27 0.80 -13.89 -15.07
N THR C 28 -0.14 -12.97 -15.33
CA THR C 28 -1.44 -13.35 -15.88
C THR C 28 -1.28 -13.88 -17.30
N HIS C 29 -0.25 -13.41 -17.99
CA HIS C 29 0.11 -13.95 -19.30
C HIS C 29 0.34 -15.46 -19.22
N GLN C 30 1.07 -15.87 -18.17
CA GLN C 30 1.37 -17.27 -17.93
C GLN C 30 0.11 -18.06 -17.65
N ILE C 31 -0.75 -17.50 -16.79
CA ILE C 31 -1.98 -18.15 -16.38
C ILE C 31 -2.91 -18.35 -17.57
N ALA C 32 -3.04 -17.33 -18.42
CA ALA C 32 -3.89 -17.43 -19.59
C ALA C 32 -3.37 -18.47 -20.57
N ASP C 33 -2.05 -18.48 -20.79
CA ASP C 33 -1.41 -19.48 -21.65
C ASP C 33 -1.62 -20.89 -21.11
N ALA C 34 -1.51 -21.04 -19.79
CA ALA C 34 -1.64 -22.35 -19.17
C ALA C 34 -2.99 -23.01 -19.43
N VAL C 35 -4.07 -22.22 -19.36
CA VAL C 35 -5.41 -22.76 -19.55
C VAL C 35 -5.83 -22.69 -21.01
N GLY C 36 -4.99 -22.08 -21.83
CA GLY C 36 -5.21 -22.02 -23.27
C GLY C 36 -6.25 -21.01 -23.71
N ILE C 37 -6.34 -19.89 -22.99
CA ILE C 37 -7.27 -18.82 -23.35
C ILE C 37 -6.54 -17.50 -23.59
N ARG C 38 -7.23 -16.57 -24.24
CA ARG C 38 -6.69 -15.25 -24.50
C ARG C 38 -6.58 -14.48 -23.19
N GLN C 39 -5.65 -13.54 -23.12
CA GLN C 39 -5.48 -12.76 -21.89
C GLN C 39 -6.65 -11.83 -21.63
N ALA C 40 -7.30 -11.37 -22.70
CA ALA C 40 -8.52 -10.58 -22.57
C ALA C 40 -9.63 -11.40 -21.92
N SER C 41 -9.66 -12.69 -22.25
CA SER C 41 -10.68 -13.58 -21.70
C SER C 41 -10.41 -13.88 -20.23
N LEU C 42 -9.14 -13.96 -19.86
CA LEU C 42 -8.75 -14.17 -18.46
C LEU C 42 -9.07 -12.93 -17.64
N TYR C 43 -8.79 -11.77 -18.22
CA TYR C 43 -9.02 -10.48 -17.57
C TYR C 43 -10.50 -10.33 -17.24
N TYR C 44 -11.35 -10.94 -18.06
CA TYR C 44 -12.79 -11.00 -17.81
C TYR C 44 -13.11 -11.68 -16.48
N HIS C 45 -12.46 -12.80 -16.19
CA HIS C 45 -12.76 -13.55 -14.97
C HIS C 45 -11.98 -12.97 -13.79
N PHE C 46 -10.75 -12.57 -14.05
CA PHE C 46 -9.92 -11.96 -13.02
C PHE C 46 -9.11 -10.84 -13.64
N PRO C 47 -9.20 -9.64 -13.04
CA PRO C 47 -8.51 -8.44 -13.53
C PRO C 47 -7.03 -8.43 -13.20
N SER C 48 -6.64 -9.10 -12.13
CA SER C 48 -5.26 -9.03 -11.65
C SER C 48 -4.78 -10.34 -11.03
N LYS C 49 -3.46 -10.42 -10.89
CA LYS C 49 -2.81 -11.55 -10.24
C LYS C 49 -3.20 -11.71 -8.78
N THR C 50 -3.29 -10.58 -8.07
CA THR C 50 -3.60 -10.57 -6.65
C THR C 50 -5.01 -11.08 -6.39
N GLU C 51 -5.92 -10.71 -7.28
CA GLU C 51 -7.30 -11.12 -7.11
C GLU C 51 -7.46 -12.63 -7.26
N ILE C 52 -6.68 -13.22 -8.17
CA ILE C 52 -6.65 -14.66 -8.30
C ILE C 52 -6.10 -15.28 -7.01
N PHE C 53 -5.01 -14.72 -6.53
CA PHE C 53 -4.32 -15.20 -5.34
C PHE C 53 -5.22 -15.13 -4.10
N LEU C 54 -5.98 -14.04 -4.02
CA LEU C 54 -6.95 -13.84 -2.94
C LEU C 54 -8.03 -14.91 -2.98
N THR C 55 -8.56 -15.15 -4.18
CA THR C 55 -9.57 -16.19 -4.37
C THR C 55 -9.03 -17.56 -3.97
N LEU C 56 -7.80 -17.87 -4.36
CA LEU C 56 -7.14 -19.13 -3.99
C LEU C 56 -7.08 -19.30 -2.49
N LEU C 57 -6.59 -18.27 -1.81
CA LEU C 57 -6.45 -18.31 -0.35
C LEU C 57 -7.81 -18.53 0.32
N LYS C 58 -8.85 -17.91 -0.24
CA LYS C 58 -10.19 -18.00 0.31
C LYS C 58 -10.80 -19.37 0.04
N SER C 59 -10.39 -20.00 -1.07
CA SER C 59 -10.89 -21.33 -1.40
C SER C 59 -10.41 -22.40 -0.45
N THR C 60 -9.26 -22.17 0.17
CA THR C 60 -8.68 -23.15 1.08
C THR C 60 -8.85 -22.84 2.57
N VAL C 61 -9.02 -21.56 2.90
CA VAL C 61 -8.99 -21.19 4.30
C VAL C 61 -10.39 -21.03 4.86
N GLU C 62 -11.36 -20.61 4.04
CA GLU C 62 -12.74 -20.50 4.48
C GLU C 62 -13.31 -21.89 4.93
N PRO C 63 -13.09 -22.99 4.15
CA PRO C 63 -13.63 -24.27 4.62
C PRO C 63 -12.99 -24.75 5.89
N SER C 64 -11.73 -24.39 6.05
CA SER C 64 -10.94 -24.82 7.18
C SER C 64 -11.41 -24.15 8.46
N THR C 65 -11.66 -22.84 8.39
CA THR C 65 -12.14 -22.12 9.55
C THR C 65 -13.57 -22.50 9.94
N VAL C 66 -14.44 -22.62 8.94
CA VAL C 66 -15.83 -23.01 9.17
C VAL C 66 -15.90 -24.40 9.82
N LEU C 67 -15.17 -25.34 9.24
CA LEU C 67 -15.11 -26.70 9.75
C LEU C 67 -14.63 -26.74 11.20
N ALA C 68 -13.63 -25.94 11.51
CA ALA C 68 -13.06 -25.90 12.85
C ALA C 68 -14.06 -25.32 13.86
N GLU C 69 -14.74 -24.25 13.45
CA GLU C 69 -15.65 -23.58 14.37
C GLU C 69 -16.95 -24.36 14.57
N ASP C 70 -17.30 -25.24 13.65
CA ASP C 70 -18.51 -26.03 13.82
C ASP C 70 -18.25 -27.21 14.74
N LEU C 71 -17.02 -27.74 14.68
CA LEU C 71 -16.67 -28.88 15.50
C LEU C 71 -16.29 -28.43 16.91
N SER C 72 -15.76 -27.22 17.04
CA SER C 72 -15.38 -26.68 18.34
C SER C 72 -16.56 -26.54 19.31
N THR C 73 -17.77 -26.36 18.76
CA THR C 73 -18.96 -26.18 19.57
C THR C 73 -19.74 -27.48 19.81
N LEU C 74 -19.19 -28.59 19.35
CA LEU C 74 -19.81 -29.92 19.47
C LEU C 74 -19.88 -30.44 20.91
N ASP C 75 -20.96 -31.14 21.24
CA ASP C 75 -21.16 -31.68 22.59
C ASP C 75 -20.31 -32.94 22.79
N ALA C 76 -19.01 -32.81 22.57
CA ALA C 76 -18.05 -33.86 22.91
C ALA C 76 -16.93 -33.34 23.82
N GLY C 77 -16.16 -34.23 24.40
CA GLY C 77 -15.02 -33.82 25.20
C GLY C 77 -13.99 -33.17 24.30
N PRO C 78 -13.01 -32.45 24.88
CA PRO C 78 -12.03 -31.73 24.08
C PRO C 78 -11.13 -32.63 23.25
N GLU C 79 -10.87 -33.85 23.72
CA GLU C 79 -10.03 -34.79 23.01
C GLU C 79 -10.66 -35.21 21.69
N MET C 80 -11.94 -35.54 21.74
CA MET C 80 -12.66 -35.97 20.54
C MET C 80 -12.81 -34.82 19.56
N ARG C 81 -13.10 -33.63 20.06
CA ARG C 81 -13.25 -32.49 19.15
C ARG C 81 -11.94 -32.17 18.45
N LEU C 82 -10.85 -32.12 19.21
CA LEU C 82 -9.54 -31.85 18.63
C LEU C 82 -9.12 -32.94 17.63
N TRP C 83 -9.31 -34.21 17.99
CA TRP C 83 -8.95 -35.29 17.08
C TRP C 83 -9.74 -35.19 15.80
N ALA C 84 -11.04 -34.94 15.92
CA ALA C 84 -11.91 -34.81 14.76
C ALA C 84 -11.49 -33.63 13.90
N ILE C 85 -11.12 -32.52 14.56
CA ILE C 85 -10.76 -31.32 13.83
C ILE C 85 -9.42 -31.50 13.11
N VAL C 86 -8.45 -32.13 13.76
CA VAL C 86 -7.15 -32.37 13.11
C VAL C 86 -7.33 -33.31 11.91
N ALA C 87 -8.03 -34.42 12.12
CA ALA C 87 -8.24 -35.39 11.06
C ALA C 87 -9.02 -34.80 9.89
N SER C 88 -9.99 -33.95 10.18
CA SER C 88 -10.82 -33.31 9.15
C SER C 88 -10.06 -32.24 8.36
N GLU C 89 -9.20 -31.48 9.03
CA GLU C 89 -8.41 -30.46 8.35
C GLU C 89 -7.36 -31.10 7.44
N VAL C 90 -6.71 -32.14 7.91
CA VAL C 90 -5.72 -32.85 7.10
C VAL C 90 -6.39 -33.53 5.91
N ARG C 91 -7.54 -34.13 6.16
CA ARG C 91 -8.37 -34.71 5.10
C ARG C 91 -8.68 -33.68 4.03
N LEU C 92 -9.07 -32.50 4.47
CA LEU C 92 -9.36 -31.40 3.56
C LEU C 92 -8.12 -30.99 2.78
N LEU C 93 -7.00 -30.85 3.49
CA LEU C 93 -5.75 -30.42 2.85
C LEU C 93 -5.17 -31.47 1.88
N LEU C 94 -5.63 -32.72 1.99
CA LEU C 94 -5.15 -33.79 1.10
C LEU C 94 -6.09 -34.03 -0.07
N SER C 95 -7.17 -33.27 -0.13
CA SER C 95 -8.24 -33.50 -1.10
C SER C 95 -8.15 -32.62 -2.35
N THR C 96 -7.16 -31.74 -2.39
CA THR C 96 -7.05 -30.75 -3.46
C THR C 96 -6.01 -31.16 -4.51
N LYS C 97 -6.26 -30.77 -5.76
CA LYS C 97 -5.35 -31.09 -6.87
C LYS C 97 -3.95 -30.51 -6.69
N TRP C 98 -3.88 -29.30 -6.14
CA TRP C 98 -2.60 -28.66 -5.87
C TRP C 98 -2.44 -28.31 -4.40
N ASN C 99 -1.19 -28.23 -3.96
CA ASN C 99 -0.87 -27.99 -2.55
C ASN C 99 -1.03 -26.51 -2.19
N VAL C 100 -2.28 -26.05 -2.15
CA VAL C 100 -2.58 -24.64 -1.92
C VAL C 100 -2.10 -24.13 -0.56
N GLY C 101 -1.86 -25.05 0.38
CA GLY C 101 -1.28 -24.70 1.65
C GLY C 101 0.09 -24.05 1.52
N ARG C 102 0.77 -24.34 0.41
CA ARG C 102 2.08 -23.78 0.14
C ARG C 102 1.99 -22.26 0.01
N LEU C 103 0.82 -21.77 -0.41
CA LEU C 103 0.59 -20.34 -0.65
C LEU C 103 0.65 -19.52 0.63
N TYR C 104 0.34 -20.16 1.77
CA TYR C 104 0.33 -19.48 3.06
C TYR C 104 1.70 -18.94 3.43
N GLN C 105 2.73 -19.56 2.87
CA GLN C 105 4.12 -19.30 3.25
C GLN C 105 4.80 -18.18 2.45
N LEU C 106 4.12 -17.67 1.43
CA LEU C 106 4.72 -16.62 0.59
C LEU C 106 4.66 -15.26 1.28
N PRO C 107 5.80 -14.54 1.30
CA PRO C 107 5.95 -13.26 1.99
C PRO C 107 4.85 -12.25 1.66
N ILE C 108 4.31 -12.29 0.45
CA ILE C 108 3.27 -11.35 0.05
C ILE C 108 1.99 -11.45 0.90
N VAL C 109 1.72 -12.62 1.47
CA VAL C 109 0.46 -12.81 2.18
C VAL C 109 0.39 -11.99 3.45
N GLY C 110 1.53 -11.48 3.91
CA GLY C 110 1.57 -10.61 5.07
C GLY C 110 1.01 -9.23 4.78
N SER C 111 0.91 -8.88 3.50
CA SER C 111 0.47 -7.55 3.10
C SER C 111 -0.96 -7.24 3.52
N GLU C 112 -1.23 -5.95 3.69
CA GLU C 112 -2.54 -5.44 4.10
C GLU C 112 -3.66 -5.98 3.23
N GLU C 113 -3.35 -6.26 1.96
CA GLU C 113 -4.32 -6.77 1.01
C GLU C 113 -5.00 -8.04 1.46
N PHE C 114 -4.31 -8.81 2.29
CA PHE C 114 -4.80 -10.13 2.70
C PHE C 114 -5.33 -10.13 4.13
N ALA C 115 -5.90 -9.00 4.54
CA ALA C 115 -6.47 -8.85 5.88
C ALA C 115 -7.54 -9.89 6.21
N GLU C 116 -8.34 -10.27 5.22
CA GLU C 116 -9.34 -11.31 5.43
C GLU C 116 -8.73 -12.66 5.72
N TYR C 117 -7.69 -13.00 4.95
CA TYR C 117 -6.98 -14.26 5.17
C TYR C 117 -6.38 -14.26 6.56
N HIS C 118 -5.80 -13.13 6.95
CA HIS C 118 -5.22 -12.96 8.27
C HIS C 118 -6.23 -13.30 9.38
N SER C 119 -7.44 -12.74 9.27
CA SER C 119 -8.49 -12.93 10.26
C SER C 119 -8.94 -14.39 10.36
N GLN C 120 -9.15 -14.96 9.18
CA GLN C 120 -9.53 -16.36 9.01
C GLN C 120 -8.50 -17.33 9.61
N ARG C 121 -7.21 -17.07 9.39
CA ARG C 121 -6.13 -17.87 9.97
C ARG C 121 -6.06 -17.69 11.50
N GLU C 122 -6.24 -16.45 11.97
CA GLU C 122 -6.25 -16.18 13.41
C GLU C 122 -7.40 -16.92 14.09
N ALA C 123 -8.56 -16.92 13.45
CA ALA C 123 -9.74 -17.60 13.98
C ALA C 123 -9.47 -19.11 14.09
N LEU C 124 -8.87 -19.67 13.05
CA LEU C 124 -8.51 -21.08 13.03
C LEU C 124 -7.51 -21.42 14.13
N THR C 125 -6.49 -20.59 14.23
CA THR C 125 -5.45 -20.77 15.24
C THR C 125 -6.03 -20.70 16.66
N ASN C 126 -6.99 -19.79 16.85
CA ASN C 126 -7.64 -19.64 18.14
C ASN C 126 -8.41 -20.90 18.54
N VAL C 127 -9.10 -21.49 17.57
CA VAL C 127 -9.85 -22.72 17.81
C VAL C 127 -8.95 -23.86 18.30
N PHE C 128 -7.82 -24.08 17.62
CA PHE C 128 -6.88 -25.11 18.06
C PHE C 128 -6.34 -24.84 19.46
N ARG C 129 -5.90 -23.61 19.68
CA ARG C 129 -5.32 -23.24 20.97
C ARG C 129 -6.32 -23.37 22.11
N ASP C 130 -7.56 -22.93 21.89
CA ASP C 130 -8.56 -23.02 22.94
C ASP C 130 -8.83 -24.48 23.30
N LEU C 131 -9.04 -25.32 22.30
CA LEU C 131 -9.24 -26.75 22.52
C LEU C 131 -8.06 -27.38 23.24
N ALA C 132 -6.85 -27.04 22.79
CA ALA C 132 -5.64 -27.57 23.40
C ALA C 132 -5.55 -27.16 24.86
N THR C 133 -5.87 -25.90 25.16
CA THR C 133 -5.79 -25.42 26.55
C THR C 133 -6.85 -26.06 27.43
N GLU C 134 -7.97 -26.50 26.84
CA GLU C 134 -8.97 -27.26 27.60
C GLU C 134 -8.37 -28.55 28.13
N ILE C 135 -7.40 -29.08 27.39
CA ILE C 135 -6.78 -30.35 27.70
C ILE C 135 -5.56 -30.18 28.59
N VAL C 136 -4.75 -29.16 28.28
CA VAL C 136 -3.45 -29.04 28.89
C VAL C 136 -3.27 -27.79 29.77
N GLY C 137 -4.27 -26.92 29.79
CA GLY C 137 -4.22 -25.70 30.57
C GLY C 137 -3.27 -24.66 29.99
N ASP C 138 -2.77 -23.76 30.83
CA ASP C 138 -1.84 -22.74 30.40
C ASP C 138 -0.46 -23.37 30.24
N ASP C 139 -0.25 -23.99 29.08
CA ASP C 139 0.91 -24.81 28.80
C ASP C 139 1.34 -24.53 27.37
N PRO C 140 2.65 -24.31 27.15
CA PRO C 140 3.12 -23.96 25.81
C PRO C 140 2.82 -25.02 24.76
N ARG C 141 2.58 -26.26 25.19
CA ARG C 141 2.21 -27.34 24.28
C ARG C 141 0.90 -27.08 23.54
N ALA C 142 0.11 -26.13 24.04
CA ALA C 142 -1.17 -25.81 23.41
C ALA C 142 -1.01 -25.25 21.99
N GLU C 143 0.18 -24.77 21.67
CA GLU C 143 0.48 -24.24 20.34
C GLU C 143 0.71 -25.36 19.32
N LEU C 144 1.03 -26.54 19.82
CA LEU C 144 1.51 -27.63 18.97
C LEU C 144 0.49 -28.29 18.01
N PRO C 145 -0.76 -28.53 18.45
CA PRO C 145 -1.70 -29.21 17.54
C PRO C 145 -1.91 -28.53 16.17
N PHE C 146 -1.90 -27.20 16.14
CA PHE C 146 -2.09 -26.48 14.89
C PHE C 146 -0.94 -26.73 13.90
N HIS C 147 0.28 -26.65 14.39
CA HIS C 147 1.45 -26.83 13.54
C HIS C 147 1.59 -28.26 13.06
N ILE C 148 1.21 -29.20 13.92
CA ILE C 148 1.22 -30.61 13.57
C ILE C 148 0.22 -30.86 12.45
N THR C 149 -0.96 -30.26 12.58
CA THR C 149 -1.96 -30.32 11.52
C THR C 149 -1.42 -29.77 10.21
N MET C 150 -0.77 -28.61 10.28
CA MET C 150 -0.29 -27.91 9.10
C MET C 150 0.93 -28.59 8.47
N SER C 151 1.57 -29.50 9.19
CA SER C 151 2.79 -30.13 8.70
C SER C 151 2.52 -31.03 7.49
N VAL C 152 1.24 -31.33 7.26
CA VAL C 152 0.85 -32.12 6.10
C VAL C 152 1.19 -31.39 4.80
N ILE C 153 1.29 -30.06 4.88
CA ILE C 153 1.65 -29.25 3.72
C ILE C 153 3.08 -29.60 3.24
N GLU C 154 3.92 -30.03 4.16
CA GLU C 154 5.30 -30.40 3.85
C GLU C 154 5.42 -31.88 3.50
N MET C 155 4.29 -32.59 3.52
CA MET C 155 4.30 -34.03 3.31
C MET C 155 3.68 -34.47 1.98
N ARG C 156 2.67 -33.74 1.51
CA ARG C 156 1.89 -34.19 0.36
C ARG C 156 2.53 -33.79 -0.97
N ARG C 157 2.12 -34.48 -2.03
CA ARG C 157 2.59 -34.17 -3.37
C ARG C 157 2.03 -32.83 -3.86
N ASN C 158 2.57 -32.32 -4.96
CA ASN C 158 2.04 -31.11 -5.57
C ASN C 158 2.24 -31.14 -7.10
N ASP C 159 1.41 -31.94 -7.77
CA ASP C 159 1.59 -32.14 -9.20
C ASP C 159 0.26 -32.20 -9.94
N GLY C 160 -0.81 -31.79 -9.28
CA GLY C 160 -2.10 -31.78 -9.93
C GLY C 160 -2.92 -33.02 -9.63
N LYS C 161 -2.29 -34.01 -9.01
CA LYS C 161 -3.02 -35.24 -8.66
C LYS C 161 -3.39 -35.22 -7.17
N ILE C 162 -4.66 -35.48 -6.88
CA ILE C 162 -5.15 -35.46 -5.51
C ILE C 162 -4.57 -36.61 -4.69
N PRO C 163 -3.87 -36.27 -3.58
CA PRO C 163 -3.26 -37.29 -2.72
C PRO C 163 -4.28 -38.27 -2.15
N SER C 164 -5.37 -37.75 -1.61
CA SER C 164 -6.42 -38.59 -1.03
C SER C 164 -7.80 -38.07 -1.37
N PRO C 165 -8.41 -38.64 -2.41
CA PRO C 165 -9.78 -38.28 -2.80
C PRO C 165 -10.75 -38.40 -1.64
N LEU C 166 -11.69 -37.46 -1.54
CA LEU C 166 -12.67 -37.45 -0.46
C LEU C 166 -13.46 -38.74 -0.42
N SER C 167 -13.61 -39.30 0.78
CA SER C 167 -14.36 -40.53 1.00
C SER C 167 -15.27 -40.38 2.21
N ALA C 168 -16.40 -41.08 2.20
CA ALA C 168 -17.30 -41.07 3.34
C ALA C 168 -17.06 -42.28 4.24
N ASP C 169 -16.31 -43.25 3.72
CA ASP C 169 -16.10 -44.52 4.40
C ASP C 169 -14.75 -44.61 5.12
N SER C 170 -13.80 -43.75 4.76
CA SER C 170 -12.47 -43.88 5.34
C SER C 170 -11.71 -42.55 5.44
N LEU C 171 -10.71 -42.53 6.31
CA LEU C 171 -9.84 -41.37 6.47
C LEU C 171 -8.46 -41.67 5.88
N PRO C 172 -7.80 -40.66 5.29
CA PRO C 172 -6.43 -40.87 4.81
C PRO C 172 -5.50 -41.19 5.98
N GLU C 173 -4.54 -42.09 5.77
CA GLU C 173 -3.61 -42.50 6.83
C GLU C 173 -2.92 -41.33 7.50
N THR C 174 -2.50 -40.36 6.69
CA THR C 174 -1.78 -39.20 7.20
C THR C 174 -2.69 -38.40 8.13
N ALA C 175 -3.98 -38.35 7.82
CA ALA C 175 -4.93 -37.68 8.70
C ALA C 175 -5.02 -38.33 10.07
N ILE C 176 -5.13 -39.66 10.09
CA ILE C 176 -5.20 -40.40 11.35
C ILE C 176 -3.92 -40.23 12.17
N MET C 177 -2.79 -40.36 11.49
CA MET C 177 -1.49 -40.24 12.13
C MET C 177 -1.30 -38.87 12.79
N LEU C 178 -1.63 -37.80 12.06
CA LEU C 178 -1.44 -36.46 12.58
C LEU C 178 -2.41 -36.14 13.72
N ALA C 179 -3.63 -36.66 13.63
CA ALA C 179 -4.61 -36.47 14.70
C ALA C 179 -4.18 -37.20 15.96
N ASP C 180 -3.72 -38.43 15.79
CA ASP C 180 -3.17 -39.19 16.91
C ASP C 180 -1.98 -38.44 17.52
N ALA C 181 -1.13 -37.89 16.66
CA ALA C 181 0.06 -37.16 17.12
C ALA C 181 -0.32 -35.91 17.90
N SER C 182 -1.38 -35.23 17.45
CA SER C 182 -1.82 -34.00 18.07
C SER C 182 -2.22 -34.19 19.53
N LEU C 183 -2.87 -35.33 19.83
CA LEU C 183 -3.25 -35.64 21.19
C LEU C 183 -2.05 -36.17 21.97
N ALA C 184 -1.21 -36.96 21.31
CA ALA C 184 -0.02 -37.54 21.93
C ALA C 184 0.89 -36.49 22.56
N VAL C 185 1.12 -35.38 21.86
CA VAL C 185 1.97 -34.31 22.40
C VAL C 185 1.32 -33.62 23.60
N LEU C 186 -0.01 -33.74 23.70
CA LEU C 186 -0.75 -33.14 24.80
C LEU C 186 -0.89 -34.11 25.98
N GLY C 187 -0.39 -35.32 25.81
CA GLY C 187 -0.52 -36.34 26.85
C GLY C 187 -1.95 -36.80 27.02
N ALA C 188 -2.75 -36.63 25.96
CA ALA C 188 -4.17 -36.98 26.02
C ALA C 188 -4.43 -38.34 25.40
N PRO C 189 -5.25 -39.16 26.07
CA PRO C 189 -5.57 -40.49 25.53
C PRO C 189 -6.45 -40.39 24.30
N LEU C 190 -6.29 -41.32 23.36
CA LEU C 190 -7.07 -41.32 22.14
C LEU C 190 -8.53 -41.67 22.47
N PRO C 191 -9.48 -40.88 21.94
CA PRO C 191 -10.89 -41.15 22.21
C PRO C 191 -11.32 -42.48 21.62
N ALA C 192 -12.35 -43.08 22.23
CA ALA C 192 -12.89 -44.34 21.74
C ALA C 192 -13.63 -44.11 20.43
N ASP C 193 -13.43 -45.04 19.50
CA ASP C 193 -14.09 -44.99 18.19
C ASP C 193 -13.88 -43.63 17.50
N ARG C 194 -12.64 -43.13 17.54
CA ARG C 194 -12.34 -41.80 16.98
C ARG C 194 -12.59 -41.71 15.48
N VAL C 195 -12.21 -42.76 14.75
CA VAL C 195 -12.33 -42.75 13.30
C VAL C 195 -13.78 -42.76 12.86
N GLU C 196 -14.55 -43.74 13.37
CA GLU C 196 -15.98 -43.84 13.03
C GLU C 196 -16.72 -42.56 13.41
N LYS C 197 -16.42 -42.00 14.58
CA LYS C 197 -17.09 -40.77 15.03
C LYS C 197 -16.80 -39.61 14.11
N THR C 198 -15.55 -39.48 13.70
CA THR C 198 -15.14 -38.40 12.81
C THR C 198 -15.84 -38.57 11.48
N LEU C 199 -15.88 -39.81 11.00
CA LEU C 199 -16.56 -40.13 9.75
C LEU C 199 -18.06 -39.83 9.83
N GLU C 200 -18.67 -40.09 10.99
CA GLU C 200 -20.08 -39.76 11.17
C GLU C 200 -20.27 -38.24 11.19
N LEU C 201 -19.37 -37.55 11.87
CA LEU C 201 -19.43 -36.09 11.91
C LEU C 201 -19.19 -35.50 10.52
N ILE C 202 -18.45 -36.21 9.67
CA ILE C 202 -18.22 -35.74 8.30
C ILE C 202 -19.45 -35.97 7.44
N LYS C 203 -20.08 -37.12 7.60
CA LYS C 203 -21.31 -37.44 6.88
C LYS C 203 -22.41 -36.46 7.29
N GLN C 204 -22.60 -36.32 8.60
CA GLN C 204 -23.54 -35.36 9.17
C GLN C 204 -23.31 -33.89 8.77
N ALA C 205 -22.05 -33.46 8.66
CA ALA C 205 -21.79 -32.05 8.40
C ALA C 205 -21.99 -31.63 6.94
N ASP C 206 -22.14 -32.60 6.05
CA ASP C 206 -22.32 -32.33 4.62
C ASP C 206 -23.30 -33.33 4.02
N PRO D 6 31.45 -8.32 9.37
CA PRO D 6 31.02 -7.49 8.24
C PRO D 6 30.23 -8.33 7.22
N ARG D 7 30.75 -9.51 6.91
CA ARG D 7 30.10 -10.43 5.99
C ARG D 7 28.89 -11.00 6.74
N GLU D 8 29.01 -11.10 8.06
CA GLU D 8 27.92 -11.58 8.91
C GLU D 8 26.81 -10.54 9.02
N GLU D 9 27.18 -9.26 8.94
CA GLU D 9 26.20 -8.20 8.90
C GLU D 9 25.39 -8.28 7.61
N ILE D 10 26.09 -8.55 6.52
CA ILE D 10 25.47 -8.69 5.21
C ILE D 10 24.48 -9.87 5.18
N LEU D 11 24.86 -10.99 5.79
CA LEU D 11 23.98 -12.16 5.81
C LEU D 11 22.72 -11.91 6.62
N ASP D 12 22.88 -11.25 7.77
CA ASP D 12 21.75 -10.86 8.62
C ASP D 12 20.76 -9.95 7.90
N ALA D 13 21.27 -8.90 7.28
CA ALA D 13 20.44 -7.93 6.57
C ALA D 13 19.76 -8.60 5.38
N SER D 14 20.46 -9.51 4.73
CA SER D 14 19.93 -10.25 3.59
C SER D 14 18.79 -11.16 4.03
N ALA D 15 18.99 -11.82 5.18
CA ALA D 15 17.97 -12.68 5.78
C ALA D 15 16.69 -11.91 6.02
N GLU D 16 16.82 -10.73 6.60
CA GLU D 16 15.67 -9.88 6.84
C GLU D 16 14.95 -9.56 5.52
N LEU D 17 15.69 -9.08 4.54
CA LEU D 17 15.12 -8.70 3.24
C LEU D 17 14.44 -9.87 2.55
N PHE D 18 15.11 -11.02 2.54
CA PHE D 18 14.58 -12.22 1.92
C PHE D 18 13.28 -12.71 2.59
N THR D 19 13.25 -12.69 3.92
CA THR D 19 12.05 -13.15 4.65
C THR D 19 10.85 -12.20 4.47
N ARG D 20 11.12 -10.94 4.19
CA ARG D 20 10.04 -9.97 3.98
C ARG D 20 9.57 -9.88 2.53
N GLN D 21 10.50 -10.03 1.59
CA GLN D 21 10.18 -9.80 0.18
C GLN D 21 10.24 -11.04 -0.70
N GLY D 22 10.92 -12.08 -0.23
CA GLY D 22 11.20 -13.22 -1.07
C GLY D 22 12.46 -12.93 -1.87
N PHE D 23 12.83 -13.86 -2.76
CA PHE D 23 14.10 -13.78 -3.46
C PHE D 23 14.06 -12.83 -4.64
N ALA D 24 13.05 -12.98 -5.48
CA ALA D 24 12.97 -12.25 -6.74
C ALA D 24 12.98 -10.72 -6.57
N THR D 25 12.32 -10.24 -5.52
CA THR D 25 12.11 -8.80 -5.35
C THR D 25 13.30 -8.11 -4.66
N THR D 26 14.02 -8.86 -3.84
CA THR D 26 15.20 -8.34 -3.14
C THR D 26 16.33 -8.02 -4.13
N SER D 27 16.97 -6.87 -3.96
CA SER D 27 18.11 -6.53 -4.83
C SER D 27 19.37 -6.39 -4.00
N THR D 28 20.53 -6.51 -4.64
CA THR D 28 21.80 -6.33 -3.96
C THR D 28 21.96 -4.88 -3.52
N HIS D 29 21.36 -3.96 -4.29
CA HIS D 29 21.33 -2.55 -3.93
C HIS D 29 20.69 -2.36 -2.55
N GLN D 30 19.59 -3.07 -2.29
CA GLN D 30 18.91 -3.02 -1.00
C GLN D 30 19.78 -3.56 0.13
N ILE D 31 20.46 -4.67 -0.15
CA ILE D 31 21.32 -5.28 0.85
C ILE D 31 22.45 -4.32 1.23
N ALA D 32 23.04 -3.67 0.24
CA ALA D 32 24.12 -2.72 0.50
C ALA D 32 23.61 -1.51 1.29
N ASP D 33 22.45 -0.97 0.91
CA ASP D 33 21.85 0.13 1.65
C ASP D 33 21.52 -0.26 3.09
N ALA D 34 21.02 -1.47 3.28
CA ALA D 34 20.63 -1.95 4.60
C ALA D 34 21.79 -1.94 5.59
N VAL D 35 22.96 -2.39 5.16
CA VAL D 35 24.12 -2.45 6.05
C VAL D 35 24.94 -1.17 6.00
N GLY D 36 24.58 -0.27 5.09
CA GLY D 36 25.21 1.02 5.02
C GLY D 36 26.58 1.03 4.37
N ILE D 37 26.78 0.19 3.36
CA ILE D 37 28.04 0.19 2.62
C ILE D 37 27.78 0.46 1.14
N ARG D 38 28.82 0.84 0.41
CA ARG D 38 28.68 1.06 -1.03
C ARG D 38 28.50 -0.30 -1.70
N GLN D 39 27.84 -0.30 -2.85
CA GLN D 39 27.54 -1.56 -3.53
C GLN D 39 28.83 -2.19 -4.07
N ALA D 40 29.82 -1.36 -4.37
CA ALA D 40 31.13 -1.85 -4.76
C ALA D 40 31.75 -2.64 -3.59
N SER D 41 31.50 -2.17 -2.37
CA SER D 41 32.03 -2.84 -1.19
C SER D 41 31.28 -4.14 -0.93
N LEU D 42 29.99 -4.17 -1.23
CA LEU D 42 29.21 -5.40 -1.10
C LEU D 42 29.66 -6.41 -2.12
N TYR D 43 29.92 -5.91 -3.33
CA TYR D 43 30.35 -6.74 -4.44
C TYR D 43 31.63 -7.49 -4.11
N TYR D 44 32.47 -6.88 -3.28
CA TYR D 44 33.68 -7.52 -2.78
C TYR D 44 33.41 -8.80 -1.99
N HIS D 45 32.42 -8.77 -1.09
CA HIS D 45 32.14 -9.90 -0.21
C HIS D 45 31.25 -10.96 -0.88
N PHE D 46 30.31 -10.49 -1.69
CA PHE D 46 29.39 -11.37 -2.40
C PHE D 46 29.13 -10.87 -3.82
N PRO D 47 29.25 -11.79 -4.80
CA PRO D 47 29.05 -11.41 -6.20
C PRO D 47 27.56 -11.25 -6.54
N SER D 48 26.72 -12.03 -5.87
CA SER D 48 25.30 -12.04 -6.20
C SER D 48 24.41 -12.36 -5.00
N LYS D 49 23.14 -12.00 -5.12
CA LYS D 49 22.15 -12.35 -4.10
C LYS D 49 21.98 -13.87 -4.05
N THR D 50 22.14 -14.51 -5.20
CA THR D 50 22.00 -15.96 -5.29
C THR D 50 23.00 -16.69 -4.38
N GLU D 51 24.24 -16.25 -4.39
CA GLU D 51 25.26 -16.88 -3.55
C GLU D 51 25.03 -16.54 -2.08
N ILE D 52 24.55 -15.33 -1.82
CA ILE D 52 24.14 -14.95 -0.47
C ILE D 52 23.02 -15.83 0.03
N PHE D 53 22.01 -16.00 -0.82
CA PHE D 53 20.83 -16.80 -0.50
C PHE D 53 21.19 -18.26 -0.19
N LEU D 54 22.14 -18.80 -0.95
CA LEU D 54 22.62 -20.16 -0.77
C LEU D 54 23.28 -20.31 0.61
N THR D 55 24.11 -19.34 0.96
CA THR D 55 24.78 -19.31 2.25
C THR D 55 23.79 -19.34 3.43
N LEU D 56 22.75 -18.53 3.35
CA LEU D 56 21.70 -18.50 4.36
C LEU D 56 21.04 -19.86 4.55
N LEU D 57 20.68 -20.47 3.42
CA LEU D 57 20.00 -21.76 3.42
C LEU D 57 20.80 -22.87 4.09
N LYS D 58 22.12 -22.83 3.89
CA LYS D 58 23.00 -23.88 4.39
C LYS D 58 23.23 -23.76 5.90
N SER D 59 23.17 -22.54 6.38
CA SER D 59 23.35 -22.22 7.80
C SER D 59 22.19 -22.74 8.65
N THR D 60 21.13 -23.15 7.97
CA THR D 60 19.91 -23.62 8.61
C THR D 60 19.96 -25.12 8.89
N VAL D 61 20.68 -25.85 8.04
CA VAL D 61 20.76 -27.31 8.18
C VAL D 61 22.15 -27.88 8.41
N GLU D 62 23.18 -27.25 7.84
CA GLU D 62 24.53 -27.80 7.87
C GLU D 62 25.15 -28.04 9.26
N PRO D 63 25.02 -27.10 10.21
CA PRO D 63 25.62 -27.45 11.51
C PRO D 63 25.00 -28.69 12.16
N SER D 64 23.72 -28.95 11.92
CA SER D 64 23.07 -30.14 12.44
C SER D 64 23.51 -31.39 11.68
N THR D 65 23.69 -31.27 10.36
CA THR D 65 24.12 -32.40 9.55
C THR D 65 25.50 -32.79 10.05
N VAL D 66 26.32 -31.78 10.35
CA VAL D 66 27.63 -32.01 10.95
C VAL D 66 27.50 -32.65 12.34
N LEU D 67 26.66 -32.03 13.18
CA LEU D 67 26.42 -32.52 14.52
C LEU D 67 25.87 -33.95 14.52
N ALA D 68 25.07 -34.26 13.50
CA ALA D 68 24.41 -35.55 13.38
C ALA D 68 25.46 -36.65 13.31
N GLU D 69 26.61 -36.33 12.74
CA GLU D 69 27.66 -37.33 12.56
C GLU D 69 28.23 -37.71 13.91
N ASP D 70 28.04 -36.85 14.91
CA ASP D 70 28.39 -37.18 16.28
C ASP D 70 27.26 -37.90 17.00
N LEU D 71 26.02 -37.58 16.59
CA LEU D 71 24.83 -38.16 17.21
C LEU D 71 24.45 -39.52 16.62
N SER D 72 24.74 -39.71 15.34
CA SER D 72 24.52 -41.00 14.71
C SER D 72 25.44 -42.00 15.40
N THR D 73 26.54 -41.46 15.92
CA THR D 73 27.53 -42.20 16.69
C THR D 73 27.20 -42.01 18.16
N LEU D 74 28.22 -42.09 19.02
CA LEU D 74 28.06 -41.92 20.48
C LEU D 74 27.19 -43.00 21.11
N ASP D 75 27.60 -43.47 22.28
CA ASP D 75 26.96 -44.60 22.94
C ASP D 75 25.71 -44.28 23.76
N ALA D 76 24.65 -43.81 23.11
CA ALA D 76 23.37 -43.77 23.80
C ALA D 76 22.37 -44.69 23.13
N GLY D 77 21.09 -44.39 23.27
CA GLY D 77 20.05 -45.17 22.63
C GLY D 77 19.42 -44.26 21.60
N PRO D 78 18.61 -44.80 20.68
CA PRO D 78 18.03 -43.95 19.63
C PRO D 78 17.09 -42.87 20.18
N GLU D 79 16.45 -43.12 21.32
CA GLU D 79 15.58 -42.11 21.93
C GLU D 79 16.40 -40.90 22.37
N MET D 80 17.53 -41.18 23.04
CA MET D 80 18.41 -40.12 23.54
C MET D 80 19.06 -39.36 22.41
N ARG D 81 19.48 -40.10 21.38
CA ARG D 81 20.11 -39.52 20.22
C ARG D 81 19.13 -38.62 19.47
N LEU D 82 17.90 -39.08 19.29
CA LEU D 82 16.86 -38.28 18.64
C LEU D 82 16.48 -37.03 19.44
N TRP D 83 16.33 -37.18 20.75
CA TRP D 83 15.98 -36.05 21.60
C TRP D 83 17.05 -34.97 21.48
N ALA D 84 18.30 -35.42 21.50
CA ALA D 84 19.45 -34.53 21.40
C ALA D 84 19.51 -33.76 20.09
N ILE D 85 19.23 -34.42 18.97
CA ILE D 85 19.29 -33.78 17.67
C ILE D 85 18.14 -32.81 17.45
N VAL D 86 16.95 -33.16 17.93
CA VAL D 86 15.78 -32.29 17.82
C VAL D 86 16.00 -31.01 18.61
N ALA D 87 16.42 -31.15 19.86
CA ALA D 87 16.64 -29.99 20.72
C ALA D 87 17.76 -29.10 20.17
N SER D 88 18.79 -29.72 19.61
CA SER D 88 19.94 -28.98 19.08
C SER D 88 19.59 -28.22 17.80
N GLU D 89 18.78 -28.85 16.96
CA GLU D 89 18.34 -28.21 15.72
C GLU D 89 17.41 -27.04 16.04
N VAL D 90 16.54 -27.21 17.03
CA VAL D 90 15.66 -26.12 17.45
C VAL D 90 16.48 -24.99 18.10
N ARG D 91 17.43 -25.38 18.94
CA ARG D 91 18.36 -24.43 19.55
C ARG D 91 19.04 -23.59 18.47
N LEU D 92 19.47 -24.24 17.40
CA LEU D 92 20.07 -23.55 16.26
C LEU D 92 19.10 -22.56 15.64
N LEU D 93 17.88 -23.03 15.36
CA LEU D 93 16.89 -22.20 14.69
C LEU D 93 16.41 -21.03 15.56
N LEU D 94 16.65 -21.13 16.86
CA LEU D 94 16.26 -20.08 17.79
C LEU D 94 17.40 -19.12 18.10
N SER D 95 18.57 -19.37 17.52
CA SER D 95 19.78 -18.63 17.89
C SER D 95 20.12 -17.47 16.97
N THR D 96 19.34 -17.29 15.91
CA THR D 96 19.66 -16.30 14.88
C THR D 96 18.81 -15.04 15.01
N LYS D 97 19.37 -13.90 14.61
CA LYS D 97 18.61 -12.64 14.66
C LYS D 97 17.37 -12.69 13.78
N TRP D 98 17.45 -13.38 12.65
CA TRP D 98 16.31 -13.49 11.75
C TRP D 98 15.89 -14.93 11.54
N ASN D 99 14.62 -15.12 11.18
CA ASN D 99 14.06 -16.45 11.02
C ASN D 99 14.45 -17.06 9.67
N VAL D 100 15.73 -17.39 9.53
CA VAL D 100 16.28 -17.88 8.27
C VAL D 100 15.67 -19.23 7.86
N GLY D 101 15.14 -19.97 8.83
CA GLY D 101 14.46 -21.22 8.53
C GLY D 101 13.28 -21.08 7.59
N ARG D 102 12.63 -19.93 7.57
CA ARG D 102 11.54 -19.69 6.64
C ARG D 102 11.94 -19.66 5.17
N LEU D 103 13.21 -19.41 4.88
CA LEU D 103 13.65 -19.26 3.50
C LEU D 103 13.44 -20.50 2.63
N TYR D 104 13.48 -21.70 3.23
CA TYR D 104 13.29 -22.94 2.46
C TYR D 104 11.88 -23.00 1.85
N GLN D 105 10.97 -22.18 2.35
CA GLN D 105 9.58 -22.23 1.92
C GLN D 105 9.36 -21.40 0.65
N LEU D 106 10.40 -20.68 0.23
CA LEU D 106 10.33 -19.90 -1.01
C LEU D 106 10.53 -20.84 -2.19
N PRO D 107 9.61 -20.79 -3.17
CA PRO D 107 9.63 -21.71 -4.32
C PRO D 107 10.98 -21.77 -5.03
N ILE D 108 11.70 -20.65 -5.01
CA ILE D 108 12.99 -20.55 -5.69
C ILE D 108 14.02 -21.57 -5.18
N VAL D 109 13.88 -22.02 -3.92
CA VAL D 109 14.91 -22.87 -3.33
C VAL D 109 14.94 -24.25 -3.97
N GLY D 110 13.88 -24.60 -4.70
CA GLY D 110 13.81 -25.87 -5.38
C GLY D 110 14.74 -25.93 -6.58
N SER D 111 15.18 -24.77 -7.04
CA SER D 111 16.00 -24.65 -8.24
C SER D 111 17.36 -25.33 -8.13
N GLU D 112 17.88 -25.77 -9.27
CA GLU D 112 19.16 -26.49 -9.35
C GLU D 112 20.34 -25.78 -8.70
N GLU D 113 20.36 -24.45 -8.72
CA GLU D 113 21.45 -23.68 -8.10
C GLU D 113 21.62 -23.98 -6.62
N PHE D 114 20.57 -24.44 -5.97
CA PHE D 114 20.64 -24.68 -4.53
C PHE D 114 20.74 -26.17 -4.24
N ALA D 115 21.36 -26.90 -5.17
CA ALA D 115 21.54 -28.35 -5.03
C ALA D 115 22.30 -28.71 -3.77
N GLU D 116 23.23 -27.87 -3.36
CA GLU D 116 24.00 -28.11 -2.15
C GLU D 116 23.10 -28.11 -0.92
N TYR D 117 22.17 -27.15 -0.83
CA TYR D 117 21.22 -27.09 0.27
C TYR D 117 20.31 -28.34 0.25
N HIS D 118 19.86 -28.72 -0.95
CA HIS D 118 19.01 -29.90 -1.12
C HIS D 118 19.63 -31.12 -0.44
N SER D 119 20.91 -31.33 -0.71
CA SER D 119 21.67 -32.44 -0.13
C SER D 119 21.83 -32.35 1.38
N GLN D 120 22.17 -31.16 1.87
CA GLN D 120 22.31 -30.96 3.30
C GLN D 120 20.99 -31.27 3.98
N ARG D 121 19.91 -30.77 3.38
CA ARG D 121 18.57 -30.97 3.92
C ARG D 121 18.15 -32.43 3.85
N GLU D 122 18.45 -33.08 2.71
CA GLU D 122 18.15 -34.48 2.54
C GLU D 122 18.92 -35.31 3.57
N ALA D 123 20.17 -34.94 3.80
CA ALA D 123 20.99 -35.65 4.76
C ALA D 123 20.44 -35.54 6.17
N LEU D 124 20.05 -34.33 6.57
CA LEU D 124 19.49 -34.10 7.90
C LEU D 124 18.19 -34.88 8.07
N THR D 125 17.33 -34.78 7.08
CA THR D 125 16.05 -35.48 7.08
C THR D 125 16.27 -36.99 7.19
N ASN D 126 17.31 -37.49 6.54
CA ASN D 126 17.64 -38.91 6.62
C ASN D 126 18.06 -39.30 8.03
N VAL D 127 18.85 -38.45 8.66
CA VAL D 127 19.30 -38.66 10.03
C VAL D 127 18.12 -38.77 11.00
N PHE D 128 17.21 -37.81 10.90
CA PHE D 128 15.99 -37.82 11.70
C PHE D 128 15.17 -39.08 11.42
N ARG D 129 14.97 -39.38 10.14
CA ARG D 129 14.18 -40.55 9.74
C ARG D 129 14.80 -41.85 10.24
N ASP D 130 16.10 -42.00 10.07
CA ASP D 130 16.81 -43.23 10.47
C ASP D 130 16.71 -43.47 11.98
N LEU D 131 16.94 -42.42 12.76
CA LEU D 131 16.82 -42.49 14.20
C LEU D 131 15.41 -42.91 14.63
N ALA D 132 14.41 -42.29 14.02
CA ALA D 132 13.01 -42.59 14.35
C ALA D 132 12.67 -44.05 14.04
N THR D 133 13.16 -44.56 12.90
CA THR D 133 12.88 -45.94 12.51
C THR D 133 13.58 -46.93 13.45
N GLU D 134 14.66 -46.50 14.09
CA GLU D 134 15.30 -47.28 15.15
C GLU D 134 14.33 -47.45 16.32
N ILE D 135 13.43 -46.48 16.46
CA ILE D 135 12.49 -46.48 17.57
C ILE D 135 11.16 -47.15 17.21
N VAL D 136 10.66 -46.88 16.00
CA VAL D 136 9.32 -47.32 15.62
C VAL D 136 9.29 -48.30 14.44
N GLY D 137 10.44 -48.59 13.87
CA GLY D 137 10.49 -49.51 12.74
C GLY D 137 9.92 -48.91 11.48
N ASP D 138 9.42 -49.76 10.59
CA ASP D 138 8.83 -49.30 9.34
C ASP D 138 7.46 -48.69 9.61
N ASP D 139 7.46 -47.43 10.01
CA ASP D 139 6.27 -46.74 10.51
C ASP D 139 6.26 -45.30 9.98
N PRO D 140 5.12 -44.87 9.41
CA PRO D 140 4.99 -43.52 8.83
C PRO D 140 5.22 -42.40 9.85
N ARG D 141 5.08 -42.69 11.14
CA ARG D 141 5.36 -41.72 12.20
C ARG D 141 6.83 -41.30 12.22
N ALA D 142 7.67 -42.08 11.55
CA ALA D 142 9.10 -41.80 11.53
C ALA D 142 9.43 -40.47 10.84
N GLU D 143 8.47 -39.97 10.05
CA GLU D 143 8.63 -38.68 9.36
C GLU D 143 8.39 -37.49 10.30
N LEU D 144 7.67 -37.73 11.39
CA LEU D 144 7.18 -36.64 12.23
C LEU D 144 8.22 -35.85 13.04
N PRO D 145 9.25 -36.51 13.61
CA PRO D 145 10.21 -35.72 14.39
C PRO D 145 10.86 -34.58 13.62
N PHE D 146 11.13 -34.78 12.33
CA PHE D 146 11.74 -33.72 11.53
C PHE D 146 10.79 -32.51 11.39
N HIS D 147 9.53 -32.79 11.05
CA HIS D 147 8.54 -31.71 10.88
C HIS D 147 8.20 -31.04 12.21
N ILE D 148 8.21 -31.82 13.29
CA ILE D 148 7.98 -31.26 14.62
C ILE D 148 9.10 -30.29 14.98
N THR D 149 10.33 -30.71 14.69
CA THR D 149 11.49 -29.86 14.89
C THR D 149 11.40 -28.55 14.12
N MET D 150 11.04 -28.64 12.84
CA MET D 150 11.01 -27.47 11.96
C MET D 150 9.84 -26.55 12.27
N SER D 151 8.87 -27.04 13.03
CA SER D 151 7.66 -26.27 13.30
C SER D 151 7.97 -25.03 14.14
N VAL D 152 9.17 -25.00 14.72
CA VAL D 152 9.62 -23.84 15.48
C VAL D 152 9.75 -22.61 14.58
N ILE D 153 9.95 -22.86 13.29
CA ILE D 153 10.09 -21.78 12.31
C ILE D 153 8.79 -20.98 12.23
N GLU D 154 7.67 -21.64 12.53
CA GLU D 154 6.37 -20.98 12.54
C GLU D 154 6.02 -20.45 13.93
N MET D 155 6.93 -20.61 14.89
CA MET D 155 6.64 -20.18 16.26
C MET D 155 7.44 -18.94 16.68
N ARG D 156 8.66 -18.80 16.18
CA ARG D 156 9.55 -17.76 16.70
C ARG D 156 9.34 -16.41 16.03
N ARG D 157 9.82 -15.37 16.71
CA ARG D 157 9.75 -14.02 16.19
C ARG D 157 10.66 -13.86 14.97
N ASN D 158 10.50 -12.74 14.26
CA ASN D 158 11.35 -12.42 13.13
C ASN D 158 11.49 -10.91 13.01
N ASP D 159 12.28 -10.32 13.90
CA ASP D 159 12.41 -8.87 13.95
C ASP D 159 13.85 -8.42 14.23
N GLY D 160 14.80 -9.35 14.10
CA GLY D 160 16.18 -8.97 14.32
C GLY D 160 16.64 -9.26 15.73
N LYS D 161 15.69 -9.62 16.59
CA LYS D 161 16.02 -9.93 17.98
C LYS D 161 16.10 -11.45 18.20
N ILE D 162 17.21 -11.90 18.76
CA ILE D 162 17.43 -13.33 19.02
C ILE D 162 16.47 -13.88 20.07
N PRO D 163 15.65 -14.87 19.69
CA PRO D 163 14.67 -15.50 20.59
C PRO D 163 15.30 -16.14 21.81
N SER D 164 16.32 -16.97 21.59
CA SER D 164 17.02 -17.62 22.69
C SER D 164 18.51 -17.60 22.43
N PRO D 165 19.21 -16.61 23.02
CA PRO D 165 20.66 -16.51 22.91
C PRO D 165 21.33 -17.81 23.32
N LEU D 166 22.36 -18.23 22.58
CA LEU D 166 23.06 -19.47 22.86
C LEU D 166 23.64 -19.53 24.27
N SER D 167 23.49 -20.68 24.92
CA SER D 167 23.99 -20.90 26.26
C SER D 167 24.68 -22.25 26.35
N ALA D 168 25.69 -22.35 27.22
CA ALA D 168 26.36 -23.62 27.44
C ALA D 168 25.75 -24.32 28.64
N ASP D 169 24.98 -23.56 29.42
CA ASP D 169 24.38 -24.05 30.66
C ASP D 169 22.93 -24.50 30.51
N SER D 170 22.26 -24.08 29.43
CA SER D 170 20.85 -24.36 29.30
C SER D 170 20.35 -24.51 27.86
N LEU D 171 19.20 -25.14 27.73
CA LEU D 171 18.50 -25.24 26.46
C LEU D 171 17.25 -24.37 26.53
N PRO D 172 16.87 -23.74 25.41
CA PRO D 172 15.62 -22.97 25.40
C PRO D 172 14.41 -23.87 25.65
N GLU D 173 13.42 -23.36 26.37
CA GLU D 173 12.21 -24.09 26.74
C GLU D 173 11.54 -24.74 25.54
N THR D 174 11.50 -24.01 24.43
CA THR D 174 10.87 -24.49 23.21
C THR D 174 11.63 -25.68 22.62
N ALA D 175 12.96 -25.66 22.74
CA ALA D 175 13.76 -26.79 22.28
C ALA D 175 13.41 -28.06 23.06
N ILE D 176 13.31 -27.92 24.38
CA ILE D 176 12.95 -29.05 25.24
C ILE D 176 11.54 -29.55 24.92
N MET D 177 10.60 -28.61 24.77
CA MET D 177 9.21 -28.95 24.47
C MET D 177 9.13 -29.74 23.16
N LEU D 178 9.79 -29.24 22.13
CA LEU D 178 9.69 -29.88 20.82
C LEU D 178 10.38 -31.24 20.79
N ALA D 179 11.50 -31.37 21.51
CA ALA D 179 12.17 -32.65 21.62
C ALA D 179 11.32 -33.65 22.39
N ASP D 180 10.71 -33.20 23.48
CA ASP D 180 9.78 -34.05 24.23
C ASP D 180 8.61 -34.49 23.35
N ALA D 181 8.08 -33.56 22.56
CA ALA D 181 6.96 -33.87 21.66
C ALA D 181 7.37 -34.90 20.60
N SER D 182 8.59 -34.78 20.11
CA SER D 182 9.10 -35.71 19.10
C SER D 182 9.12 -37.14 19.62
N LEU D 183 9.43 -37.32 20.90
CA LEU D 183 9.39 -38.66 21.50
C LEU D 183 7.97 -39.11 21.81
N ALA D 184 7.14 -38.18 22.30
CA ALA D 184 5.74 -38.48 22.61
C ALA D 184 5.02 -39.02 21.38
N VAL D 185 5.32 -38.42 20.23
CA VAL D 185 4.71 -38.79 18.96
C VAL D 185 5.13 -40.20 18.53
N LEU D 186 6.28 -40.64 19.02
CA LEU D 186 6.80 -41.98 18.75
C LEU D 186 6.35 -42.98 19.82
N GLY D 187 5.67 -42.46 20.84
CA GLY D 187 5.26 -43.26 21.99
C GLY D 187 6.45 -43.64 22.87
N ALA D 188 7.51 -42.86 22.79
CA ALA D 188 8.73 -43.17 23.53
C ALA D 188 8.88 -42.34 24.80
N PRO D 189 9.28 -43.00 25.89
CA PRO D 189 9.50 -42.34 27.18
C PRO D 189 10.73 -41.45 27.08
N LEU D 190 10.74 -40.36 27.86
CA LEU D 190 11.87 -39.44 27.85
C LEU D 190 13.08 -40.12 28.47
N PRO D 191 14.24 -40.05 27.79
CA PRO D 191 15.45 -40.66 28.34
C PRO D 191 15.85 -39.93 29.61
N ALA D 192 16.52 -40.60 30.53
CA ALA D 192 16.92 -39.96 31.78
C ALA D 192 18.00 -38.91 31.54
N ASP D 193 17.88 -37.77 32.22
CA ASP D 193 18.85 -36.67 32.11
C ASP D 193 19.13 -36.25 30.67
N ARG D 194 18.07 -36.04 29.91
CA ARG D 194 18.17 -35.69 28.49
C ARG D 194 18.88 -34.35 28.26
N VAL D 195 18.61 -33.35 29.08
CA VAL D 195 19.13 -32.00 28.89
C VAL D 195 20.65 -31.93 29.08
N GLU D 196 21.14 -32.42 30.21
CA GLU D 196 22.59 -32.45 30.44
C GLU D 196 23.38 -33.23 29.41
N LYS D 197 22.86 -34.40 29.01
CA LYS D 197 23.54 -35.22 28.02
C LYS D 197 23.63 -34.45 26.70
N THR D 198 22.56 -33.75 26.35
CA THR D 198 22.53 -32.94 25.14
C THR D 198 23.50 -31.76 25.23
N LEU D 199 23.51 -31.08 26.37
CA LEU D 199 24.43 -29.95 26.59
C LEU D 199 25.89 -30.38 26.55
N GLU D 200 26.18 -31.55 27.12
CA GLU D 200 27.52 -32.10 27.09
C GLU D 200 27.86 -32.44 25.65
N LEU D 201 26.87 -32.99 24.95
CA LEU D 201 27.00 -33.34 23.54
C LEU D 201 27.22 -32.10 22.66
N ILE D 202 26.68 -30.95 23.06
CA ILE D 202 26.86 -29.74 22.27
C ILE D 202 28.26 -29.20 22.51
N LYS D 203 28.74 -29.30 23.74
CA LYS D 203 30.08 -28.82 24.05
C LYS D 203 31.15 -29.58 23.29
N GLN D 204 31.07 -30.90 23.34
CA GLN D 204 31.97 -31.78 22.60
C GLN D 204 32.06 -31.39 21.12
N ALA D 205 30.92 -30.97 20.57
CA ALA D 205 30.82 -30.61 19.17
C ALA D 205 31.42 -29.22 18.88
N ASP D 206 31.26 -28.31 19.83
CA ASP D 206 31.78 -26.94 19.66
C ASP D 206 33.30 -26.89 19.81
N ALA D 207 33.85 -27.73 20.68
CA ALA D 207 35.28 -27.76 20.95
C ALA D 207 36.09 -28.22 19.73
N LYS D 208 35.40 -28.74 18.73
CA LYS D 208 36.03 -29.22 17.50
C LYS D 208 36.07 -28.13 16.44
N ASN E 5 1.65 35.46 -8.18
CA ASN E 5 0.26 35.36 -7.72
C ASN E 5 0.19 34.39 -6.53
N PRO E 6 0.51 34.89 -5.32
CA PRO E 6 0.64 34.01 -4.15
C PRO E 6 -0.64 33.31 -3.68
N ARG E 7 -1.74 34.05 -3.59
CA ARG E 7 -3.01 33.49 -3.11
C ARG E 7 -3.65 32.56 -4.15
N GLU E 8 -3.44 32.83 -5.44
CA GLU E 8 -4.01 31.98 -6.48
C GLU E 8 -3.24 30.68 -6.64
N GLU E 9 -1.94 30.70 -6.37
CA GLU E 9 -1.15 29.47 -6.39
C GLU E 9 -1.61 28.53 -5.29
N ILE E 10 -1.87 29.11 -4.11
CA ILE E 10 -2.37 28.36 -2.97
C ILE E 10 -3.73 27.71 -3.27
N LEU E 11 -4.62 28.48 -3.89
CA LEU E 11 -5.94 27.97 -4.21
C LEU E 11 -5.86 26.86 -5.24
N ASP E 12 -5.00 27.02 -6.26
CA ASP E 12 -4.80 25.96 -7.24
C ASP E 12 -4.31 24.67 -6.58
N ALA E 13 -3.26 24.77 -5.77
CA ALA E 13 -2.71 23.59 -5.09
C ALA E 13 -3.74 22.97 -4.16
N SER E 14 -4.53 23.80 -3.51
CA SER E 14 -5.59 23.32 -2.64
C SER E 14 -6.65 22.58 -3.44
N ALA E 15 -7.00 23.13 -4.59
CA ALA E 15 -7.95 22.49 -5.50
C ALA E 15 -7.46 21.10 -5.86
N GLU E 16 -6.19 21.01 -6.24
CA GLU E 16 -5.60 19.73 -6.57
C GLU E 16 -5.70 18.75 -5.40
N LEU E 17 -5.25 19.18 -4.23
CA LEU E 17 -5.28 18.31 -3.06
C LEU E 17 -6.68 17.90 -2.63
N PHE E 18 -7.60 18.85 -2.59
CA PHE E 18 -8.98 18.55 -2.18
C PHE E 18 -9.71 17.60 -3.12
N THR E 19 -9.60 17.84 -4.43
CA THR E 19 -10.30 17.00 -5.40
C THR E 19 -9.67 15.61 -5.46
N ARG E 20 -8.40 15.52 -5.10
CA ARG E 20 -7.70 14.23 -5.14
C ARG E 20 -7.77 13.42 -3.85
N GLN E 21 -7.75 14.09 -2.71
CA GLN E 21 -7.65 13.39 -1.43
C GLN E 21 -8.92 13.52 -0.60
N GLY E 22 -9.76 14.48 -0.96
CA GLY E 22 -10.91 14.80 -0.13
C GLY E 22 -10.53 15.80 0.95
N PHE E 23 -11.49 16.15 1.80
CA PHE E 23 -11.29 17.21 2.76
C PHE E 23 -10.56 16.79 4.02
N ALA E 24 -11.02 15.71 4.64
CA ALA E 24 -10.55 15.33 5.97
C ALA E 24 -9.04 15.10 6.07
N THR E 25 -8.46 14.43 5.07
CA THR E 25 -7.04 14.07 5.17
C THR E 25 -6.10 15.16 4.67
N THR E 26 -6.60 16.05 3.82
CA THR E 26 -5.78 17.15 3.33
C THR E 26 -5.39 18.05 4.48
N SER E 27 -4.12 18.42 4.57
CA SER E 27 -3.65 19.30 5.63
C SER E 27 -3.05 20.60 5.08
N THR E 28 -2.99 21.62 5.92
CA THR E 28 -2.38 22.88 5.53
C THR E 28 -0.86 22.73 5.32
N HIS E 29 -0.25 21.79 6.04
CA HIS E 29 1.14 21.43 5.82
C HIS E 29 1.37 21.00 4.37
N GLN E 30 0.46 20.17 3.87
CA GLN E 30 0.55 19.68 2.49
C GLN E 30 0.42 20.82 1.51
N ILE E 31 -0.52 21.72 1.77
CA ILE E 31 -0.78 22.84 0.88
C ILE E 31 0.43 23.75 0.79
N ALA E 32 1.01 24.06 1.94
CA ALA E 32 2.20 24.90 2.03
C ALA E 32 3.40 24.25 1.33
N ASP E 33 3.60 22.96 1.58
N ASP E 33 3.58 22.96 1.56
CA ASP E 33 4.65 22.21 0.92
CA ASP E 33 4.64 22.20 0.92
C ASP E 33 4.47 22.18 -0.60
C ASP E 33 4.47 22.18 -0.60
N ALA E 34 3.22 22.01 -1.04
CA ALA E 34 2.91 21.94 -2.46
C ALA E 34 3.31 23.21 -3.20
N VAL E 35 3.04 24.38 -2.61
CA VAL E 35 3.36 25.63 -3.28
C VAL E 35 4.77 26.10 -2.93
N GLY E 36 5.41 25.38 -2.00
CA GLY E 36 6.80 25.63 -1.63
C GLY E 36 7.01 26.83 -0.72
N ILE E 37 6.04 27.08 0.16
CA ILE E 37 6.18 28.17 1.12
C ILE E 37 6.08 27.66 2.54
N ARG E 38 6.50 28.47 3.49
CA ARG E 38 6.42 28.12 4.91
C ARG E 38 4.98 28.13 5.41
N GLN E 39 4.75 27.37 6.47
CA GLN E 39 3.44 27.23 7.07
C GLN E 39 2.94 28.56 7.64
N ALA E 40 3.88 29.37 8.12
CA ALA E 40 3.58 30.71 8.59
C ALA E 40 3.08 31.60 7.45
N SER E 41 3.66 31.40 6.27
CA SER E 41 3.32 32.20 5.11
C SER E 41 1.95 31.85 4.56
N LEU E 42 1.56 30.59 4.67
CA LEU E 42 0.24 30.18 4.21
C LEU E 42 -0.86 30.80 5.09
N TYR E 43 -0.64 30.77 6.40
CA TYR E 43 -1.59 31.36 7.36
C TYR E 43 -1.77 32.86 7.18
N TYR E 44 -0.78 33.54 6.64
CA TYR E 44 -0.94 34.95 6.31
C TYR E 44 -2.14 35.11 5.37
N HIS E 45 -2.25 34.21 4.40
CA HIS E 45 -3.29 34.27 3.38
C HIS E 45 -4.60 33.61 3.82
N PHE E 46 -4.51 32.49 4.55
CA PHE E 46 -5.70 31.78 4.99
C PHE E 46 -5.50 31.20 6.39
N PRO E 47 -6.47 31.42 7.28
CA PRO E 47 -6.33 30.94 8.66
C PRO E 47 -6.52 29.43 8.84
N SER E 48 -7.35 28.81 8.00
CA SER E 48 -7.66 27.40 8.17
C SER E 48 -7.94 26.69 6.86
N LYS E 49 -7.93 25.36 6.92
CA LYS E 49 -8.24 24.53 5.76
C LYS E 49 -9.65 24.83 5.27
N THR E 50 -10.56 25.05 6.21
CA THR E 50 -11.95 25.32 5.91
C THR E 50 -12.11 26.62 5.14
N GLU E 51 -11.35 27.62 5.52
CA GLU E 51 -11.45 28.93 4.90
C GLU E 51 -10.94 28.89 3.47
N ILE E 52 -9.90 28.09 3.23
CA ILE E 52 -9.43 27.81 1.87
C ILE E 52 -10.50 27.12 1.05
N PHE E 53 -11.09 26.09 1.64
CA PHE E 53 -12.13 25.30 0.99
C PHE E 53 -13.32 26.17 0.63
N LEU E 54 -13.66 27.07 1.55
CA LEU E 54 -14.77 27.99 1.35
C LEU E 54 -14.51 28.94 0.18
N THR E 55 -13.33 29.55 0.19
CA THR E 55 -12.91 30.46 -0.87
C THR E 55 -12.91 29.75 -2.21
N LEU E 56 -12.37 28.54 -2.20
CA LEU E 56 -12.33 27.67 -3.36
C LEU E 56 -13.75 27.39 -3.86
N LEU E 57 -14.61 26.99 -2.95
CA LEU E 57 -16.01 26.67 -3.25
C LEU E 57 -16.77 27.88 -3.78
N LYS E 58 -16.44 29.06 -3.27
CA LYS E 58 -17.13 30.28 -3.64
C LYS E 58 -16.73 30.77 -5.03
N SER E 59 -15.49 30.48 -5.42
CA SER E 59 -15.03 30.83 -6.76
C SER E 59 -15.61 29.97 -7.88
N THR E 60 -16.13 28.81 -7.53
CA THR E 60 -16.67 27.90 -8.55
C THR E 60 -18.18 27.97 -8.68
N VAL E 61 -18.87 28.44 -7.65
CA VAL E 61 -20.33 28.38 -7.64
C VAL E 61 -20.95 29.74 -7.96
N GLU E 62 -20.28 30.82 -7.57
CA GLU E 62 -20.80 32.16 -7.86
C GLU E 62 -20.93 32.40 -9.38
N PRO E 63 -19.92 31.99 -10.20
CA PRO E 63 -20.15 32.21 -11.63
C PRO E 63 -21.34 31.42 -12.17
N SER E 64 -21.61 30.27 -11.55
CA SER E 64 -22.72 29.42 -11.99
C SER E 64 -24.08 30.04 -11.67
N THR E 65 -24.24 30.53 -10.45
CA THR E 65 -25.48 31.16 -10.03
C THR E 65 -25.76 32.48 -10.74
N VAL E 66 -24.70 33.26 -10.95
CA VAL E 66 -24.80 34.50 -11.70
C VAL E 66 -25.30 34.18 -13.11
N LEU E 67 -24.68 33.18 -13.71
CA LEU E 67 -25.05 32.73 -15.05
C LEU E 67 -26.49 32.26 -15.16
N ALA E 68 -26.96 31.52 -14.17
CA ALA E 68 -28.29 30.92 -14.22
C ALA E 68 -29.43 31.92 -14.19
N GLU E 69 -29.35 32.86 -13.26
CA GLU E 69 -30.41 33.84 -13.06
C GLU E 69 -30.38 34.96 -14.10
N ASP E 70 -29.29 35.05 -14.85
CA ASP E 70 -29.25 36.04 -15.92
C ASP E 70 -30.00 35.45 -17.12
N LEU E 71 -29.90 34.14 -17.26
CA LEU E 71 -30.56 33.43 -18.35
C LEU E 71 -32.00 33.10 -18.02
N SER E 72 -32.29 32.89 -16.74
CA SER E 72 -33.65 32.60 -16.30
C SER E 72 -34.60 33.76 -16.59
N THR E 73 -34.09 34.99 -16.54
CA THR E 73 -34.88 36.16 -16.88
C THR E 73 -34.59 36.63 -18.30
N LEU E 74 -34.80 35.74 -19.26
CA LEU E 74 -34.57 36.03 -20.68
C LEU E 74 -35.82 35.79 -21.55
N ASP E 75 -36.04 36.61 -22.57
CA ASP E 75 -37.22 36.50 -23.43
C ASP E 75 -37.05 35.39 -24.48
N ALA E 76 -36.78 34.17 -24.02
CA ALA E 76 -36.82 32.99 -24.88
C ALA E 76 -37.83 31.99 -24.31
N GLY E 77 -38.09 30.92 -25.05
CA GLY E 77 -38.96 29.88 -24.55
C GLY E 77 -38.18 29.06 -23.54
N PRO E 78 -38.87 28.20 -22.78
CA PRO E 78 -38.18 27.41 -21.75
C PRO E 78 -37.14 26.43 -22.33
N GLU E 79 -37.37 25.96 -23.56
CA GLU E 79 -36.43 25.04 -24.20
C GLU E 79 -35.08 25.70 -24.48
N MET E 80 -35.12 26.91 -25.03
CA MET E 80 -33.90 27.63 -25.34
C MET E 80 -33.13 28.06 -24.10
N ARG E 81 -33.85 28.54 -23.09
CA ARG E 81 -33.19 28.97 -21.86
C ARG E 81 -32.56 27.78 -21.14
N LEU E 82 -33.27 26.66 -21.09
CA LEU E 82 -32.75 25.45 -20.49
C LEU E 82 -31.52 24.94 -21.24
N TRP E 83 -31.59 24.94 -22.57
CA TRP E 83 -30.46 24.48 -23.38
C TRP E 83 -29.26 25.38 -23.13
N ALA E 84 -29.51 26.69 -23.10
CA ALA E 84 -28.46 27.66 -22.88
C ALA E 84 -27.82 27.49 -21.50
N ILE E 85 -28.64 27.23 -20.49
CA ILE E 85 -28.08 27.11 -19.15
C ILE E 85 -27.31 25.80 -18.95
N VAL E 86 -27.78 24.70 -19.53
CA VAL E 86 -27.05 23.45 -19.41
C VAL E 86 -25.67 23.57 -20.09
N ALA E 87 -25.67 24.02 -21.34
CA ALA E 87 -24.43 24.13 -22.10
C ALA E 87 -23.46 25.11 -21.46
N SER E 88 -23.98 26.22 -20.94
CA SER E 88 -23.15 27.25 -20.33
C SER E 88 -22.54 26.77 -19.03
N GLU E 89 -23.31 26.00 -18.26
CA GLU E 89 -22.84 25.44 -17.00
C GLU E 89 -21.76 24.37 -17.25
N VAL E 90 -21.97 23.54 -18.26
CA VAL E 90 -20.98 22.53 -18.62
C VAL E 90 -19.72 23.21 -19.12
N ARG E 91 -19.89 24.25 -19.92
CA ARG E 91 -18.77 25.06 -20.39
C ARG E 91 -17.91 25.56 -19.23
N LEU E 92 -18.58 26.05 -18.18
CA LEU E 92 -17.87 26.53 -16.98
C LEU E 92 -17.08 25.43 -16.30
N LEU E 93 -17.72 24.28 -16.10
CA LEU E 93 -17.10 23.16 -15.41
C LEU E 93 -15.93 22.55 -16.17
N LEU E 94 -15.84 22.85 -17.46
CA LEU E 94 -14.76 22.34 -18.29
C LEU E 94 -13.64 23.38 -18.44
N SER E 95 -13.82 24.55 -17.84
CA SER E 95 -12.90 25.66 -18.07
C SER E 95 -11.82 25.76 -17.01
N THR E 96 -11.89 24.89 -16.00
CA THR E 96 -10.98 24.99 -14.87
C THR E 96 -9.86 23.97 -14.94
N LYS E 97 -8.71 24.35 -14.40
CA LYS E 97 -7.51 23.51 -14.36
C LYS E 97 -7.74 22.24 -13.56
N TRP E 98 -8.53 22.33 -12.50
CA TRP E 98 -8.85 21.16 -11.69
C TRP E 98 -10.36 20.93 -11.65
N ASN E 99 -10.76 19.70 -11.36
CA ASN E 99 -12.17 19.32 -11.39
C ASN E 99 -12.88 19.77 -10.11
N VAL E 100 -13.02 21.09 -9.96
CA VAL E 100 -13.57 21.68 -8.73
C VAL E 100 -15.02 21.28 -8.47
N GLY E 101 -15.71 20.81 -9.51
CA GLY E 101 -17.03 20.26 -9.34
C GLY E 101 -17.03 19.08 -8.38
N ARG E 102 -15.89 18.41 -8.25
CA ARG E 102 -15.74 17.29 -7.34
C ARG E 102 -15.94 17.69 -5.88
N LEU E 103 -15.67 18.96 -5.59
CA LEU E 103 -15.76 19.47 -4.22
C LEU E 103 -17.18 19.41 -3.69
N TYR E 104 -18.15 19.52 -4.60
CA TYR E 104 -19.56 19.48 -4.23
C TYR E 104 -19.94 18.14 -3.62
N GLN E 105 -19.17 17.11 -3.98
CA GLN E 105 -19.48 15.73 -3.59
C GLN E 105 -18.88 15.33 -2.25
N LEU E 106 -18.04 16.18 -1.68
CA LEU E 106 -17.38 15.89 -0.40
C LEU E 106 -18.33 16.10 0.77
N PRO E 107 -18.37 15.14 1.70
CA PRO E 107 -19.29 15.15 2.84
C PRO E 107 -19.27 16.45 3.64
N ILE E 108 -18.10 17.10 3.71
CA ILE E 108 -17.96 18.33 4.51
C ILE E 108 -18.89 19.45 4.05
N VAL E 109 -19.26 19.48 2.77
CA VAL E 109 -20.04 20.61 2.24
C VAL E 109 -21.48 20.61 2.75
N GLY E 110 -21.92 19.50 3.31
CA GLY E 110 -23.26 19.45 3.88
C GLY E 110 -23.39 20.23 5.19
N SER E 111 -22.26 20.47 5.85
CA SER E 111 -22.23 21.13 7.15
C SER E 111 -22.73 22.58 7.10
N GLU E 112 -23.24 23.06 8.24
CA GLU E 112 -23.83 24.39 8.38
C GLU E 112 -22.95 25.55 7.90
N GLU E 113 -21.64 25.44 8.08
CA GLU E 113 -20.71 26.51 7.68
C GLU E 113 -20.82 26.86 6.19
N PHE E 114 -21.34 25.92 5.39
CA PHE E 114 -21.45 26.12 3.95
C PHE E 114 -22.86 26.52 3.54
N ALA E 115 -23.55 27.26 4.41
CA ALA E 115 -24.90 27.73 4.14
C ALA E 115 -24.95 28.58 2.86
N GLU E 116 -23.89 29.32 2.60
CA GLU E 116 -23.80 30.13 1.39
C GLU E 116 -23.83 29.26 0.14
N TYR E 117 -23.06 28.18 0.16
CA TYR E 117 -23.04 27.24 -0.94
C TYR E 117 -24.41 26.57 -1.10
N HIS E 118 -24.99 26.17 0.03
CA HIS E 118 -26.31 25.54 0.06
C HIS E 118 -27.35 26.40 -0.64
N SER E 119 -27.38 27.68 -0.30
CA SER E 119 -28.33 28.62 -0.88
C SER E 119 -28.17 28.76 -2.39
N GLN E 120 -26.93 28.94 -2.83
CA GLN E 120 -26.63 29.05 -4.25
C GLN E 120 -26.99 27.78 -5.01
N ARG E 121 -26.67 26.61 -4.46
CA ARG E 121 -26.98 25.37 -5.12
C ARG E 121 -28.49 25.18 -5.26
N GLU E 122 -29.22 25.51 -4.19
CA GLU E 122 -30.68 25.42 -4.22
C GLU E 122 -31.24 26.34 -5.29
N ALA E 123 -30.68 27.54 -5.40
CA ALA E 123 -31.11 28.51 -6.40
C ALA E 123 -30.87 27.95 -7.81
N LEU E 124 -29.69 27.38 -8.02
CA LEU E 124 -29.33 26.80 -9.30
C LEU E 124 -30.25 25.63 -9.67
N THR E 125 -30.45 24.74 -8.72
CA THR E 125 -31.30 23.57 -8.93
C THR E 125 -32.74 23.96 -9.27
N ASN E 126 -33.23 25.01 -8.61
CA ASN E 126 -34.58 25.50 -8.87
C ASN E 126 -34.74 26.06 -10.27
N VAL E 127 -33.73 26.79 -10.75
CA VAL E 127 -33.76 27.34 -12.08
C VAL E 127 -33.87 26.20 -13.11
N PHE E 128 -33.05 25.18 -12.96
CA PHE E 128 -33.12 24.01 -13.83
C PHE E 128 -34.48 23.34 -13.75
N ARG E 129 -34.94 23.08 -12.52
CA ARG E 129 -36.21 22.39 -12.29
C ARG E 129 -37.42 23.17 -12.82
N ASP E 130 -37.46 24.47 -12.55
CA ASP E 130 -38.58 25.31 -12.99
C ASP E 130 -38.70 25.30 -14.50
N LEU E 131 -37.57 25.46 -15.19
CA LEU E 131 -37.53 25.42 -16.64
C LEU E 131 -38.03 24.07 -17.14
N ALA E 132 -37.56 23.00 -16.52
CA ALA E 132 -37.96 21.64 -16.91
C ALA E 132 -39.45 21.38 -16.73
N THR E 133 -40.00 21.80 -15.59
CA THR E 133 -41.42 21.60 -15.32
C THR E 133 -42.30 22.47 -16.23
N GLU E 134 -41.74 23.59 -16.66
CA GLU E 134 -42.41 24.44 -17.65
C GLU E 134 -42.59 23.68 -18.96
N ILE E 135 -41.68 22.74 -19.21
CA ILE E 135 -41.68 21.95 -20.42
C ILE E 135 -42.43 20.63 -20.23
N VAL E 136 -42.24 20.03 -19.07
CA VAL E 136 -42.62 18.66 -18.82
C VAL E 136 -43.74 18.49 -17.78
N GLY E 137 -44.12 19.59 -17.13
CA GLY E 137 -45.16 19.56 -16.11
C GLY E 137 -44.68 18.88 -14.83
N ASP E 138 -45.61 18.38 -14.03
CA ASP E 138 -45.27 17.68 -12.79
C ASP E 138 -44.82 16.25 -13.08
N ASP E 139 -43.56 16.11 -13.46
CA ASP E 139 -43.02 14.84 -13.93
C ASP E 139 -41.60 14.69 -13.38
N PRO E 140 -41.28 13.52 -12.82
CA PRO E 140 -39.94 13.29 -12.24
C PRO E 140 -38.80 13.47 -13.23
N ARG E 141 -39.10 13.46 -14.54
CA ARG E 141 -38.08 13.75 -15.54
C ARG E 141 -37.54 15.17 -15.41
N ALA E 142 -38.28 16.02 -14.72
CA ALA E 142 -37.88 17.43 -14.55
C ALA E 142 -36.60 17.57 -13.74
N GLU E 143 -36.27 16.53 -12.97
CA GLU E 143 -35.06 16.49 -12.17
C GLU E 143 -33.83 16.20 -13.02
N LEU E 144 -34.05 15.63 -14.20
CA LEU E 144 -32.96 15.08 -15.00
C LEU E 144 -31.95 16.08 -15.59
N PRO E 145 -32.43 17.21 -16.15
CA PRO E 145 -31.45 18.12 -16.76
C PRO E 145 -30.32 18.57 -15.83
N PHE E 146 -30.64 18.80 -14.57
CA PHE E 146 -29.61 19.24 -13.64
C PHE E 146 -28.57 18.13 -13.41
N HIS E 147 -29.04 16.91 -13.19
CA HIS E 147 -28.11 15.82 -12.94
C HIS E 147 -27.31 15.48 -14.20
N ILE E 148 -27.96 15.60 -15.36
CA ILE E 148 -27.28 15.37 -16.62
C ILE E 148 -26.17 16.41 -16.81
N THR E 149 -26.48 17.67 -16.49
CA THR E 149 -25.50 18.74 -16.54
C THR E 149 -24.30 18.44 -15.66
N MET E 150 -24.59 18.03 -14.42
CA MET E 150 -23.55 17.81 -13.43
C MET E 150 -22.72 16.56 -13.71
N SER E 151 -23.18 15.70 -14.61
CA SER E 151 -22.50 14.45 -14.90
C SER E 151 -21.16 14.68 -15.59
N VAL E 152 -20.95 15.89 -16.10
CA VAL E 152 -19.69 16.25 -16.73
C VAL E 152 -18.53 16.16 -15.73
N ILE E 153 -18.86 16.29 -14.45
CA ILE E 153 -17.87 16.20 -13.37
C ILE E 153 -17.26 14.78 -13.37
N GLU E 154 -18.04 13.81 -13.83
CA GLU E 154 -17.63 12.42 -13.89
C GLU E 154 -16.99 12.06 -15.23
N MET E 155 -16.91 13.02 -16.14
CA MET E 155 -16.40 12.77 -17.49
C MET E 155 -15.04 13.40 -17.74
N ARG E 156 -14.78 14.55 -17.12
CA ARG E 156 -13.60 15.32 -17.46
C ARG E 156 -12.34 14.90 -16.71
N ARG E 157 -11.19 15.30 -17.24
CA ARG E 157 -9.91 15.04 -16.60
C ARG E 157 -9.75 15.86 -15.33
N ASN E 158 -8.73 15.50 -14.54
CA ASN E 158 -8.39 16.26 -13.34
C ASN E 158 -6.89 16.14 -13.09
N ASP E 159 -6.08 16.84 -13.88
CA ASP E 159 -4.63 16.70 -13.76
C ASP E 159 -3.91 18.04 -13.91
N GLY E 160 -4.67 19.13 -13.83
CA GLY E 160 -4.10 20.47 -13.91
C GLY E 160 -4.18 21.10 -15.29
N LYS E 161 -4.54 20.31 -16.29
CA LYS E 161 -4.72 20.83 -17.64
C LYS E 161 -6.20 21.06 -17.93
N ILE E 162 -6.53 22.25 -18.42
CA ILE E 162 -7.91 22.61 -18.72
C ILE E 162 -8.44 21.79 -19.89
N PRO E 163 -9.52 21.03 -19.67
CA PRO E 163 -10.12 20.24 -20.75
C PRO E 163 -10.60 21.12 -21.91
N SER E 164 -11.32 22.20 -21.63
CA SER E 164 -11.77 23.09 -22.68
C SER E 164 -11.67 24.57 -22.29
N PRO E 165 -10.58 25.22 -22.70
CA PRO E 165 -10.37 26.66 -22.47
C PRO E 165 -11.55 27.49 -22.96
N LEU E 166 -11.92 28.52 -22.21
CA LEU E 166 -13.05 29.38 -22.57
C LEU E 166 -12.86 30.01 -23.95
N SER E 167 -13.92 30.00 -24.76
CA SER E 167 -13.87 30.56 -26.10
C SER E 167 -15.09 31.42 -26.39
N ALA E 168 -14.93 32.42 -27.25
CA ALA E 168 -16.06 33.23 -27.65
C ALA E 168 -16.67 32.75 -28.96
N ASP E 169 -15.96 31.87 -29.66
CA ASP E 169 -16.41 31.43 -31.00
C ASP E 169 -17.12 30.08 -31.00
N SER E 170 -16.89 29.26 -29.98
CA SER E 170 -17.42 27.91 -30.00
C SER E 170 -17.72 27.34 -28.61
N LEU E 171 -18.55 26.32 -28.58
CA LEU E 171 -18.85 25.58 -27.38
C LEU E 171 -18.18 24.22 -27.41
N PRO E 172 -17.73 23.73 -26.25
CA PRO E 172 -17.16 22.38 -26.20
C PRO E 172 -18.22 21.35 -26.59
N GLU E 173 -17.79 20.32 -27.31
CA GLU E 173 -18.68 19.27 -27.79
C GLU E 173 -19.50 18.65 -26.66
N THR E 174 -18.87 18.44 -25.50
CA THR E 174 -19.53 17.84 -24.35
C THR E 174 -20.67 18.73 -23.82
N ALA E 175 -20.47 20.04 -23.86
CA ALA E 175 -21.52 20.98 -23.49
C ALA E 175 -22.72 20.83 -24.42
N ILE E 176 -22.47 20.76 -25.72
CA ILE E 176 -23.54 20.59 -26.68
C ILE E 176 -24.25 19.26 -26.47
N MET E 177 -23.47 18.20 -26.28
CA MET E 177 -24.03 16.86 -26.10
C MET E 177 -24.95 16.79 -24.88
N LEU E 178 -24.48 17.32 -23.75
CA LEU E 178 -25.26 17.24 -22.52
C LEU E 178 -26.51 18.12 -22.59
N ALA E 179 -26.39 19.27 -23.27
CA ALA E 179 -27.53 20.15 -23.44
C ALA E 179 -28.60 19.52 -24.33
N ASP E 180 -28.15 18.88 -25.41
CA ASP E 180 -29.05 18.15 -26.29
C ASP E 180 -29.75 17.00 -25.54
N ALA E 181 -28.98 16.30 -24.71
CA ALA E 181 -29.49 15.18 -23.92
C ALA E 181 -30.54 15.65 -22.91
N SER E 182 -30.32 16.82 -22.34
CA SER E 182 -31.26 17.37 -21.35
C SER E 182 -32.65 17.58 -21.93
N LEU E 183 -32.71 18.04 -23.17
CA LEU E 183 -33.98 18.25 -23.85
C LEU E 183 -34.55 16.92 -24.35
N ALA E 184 -33.66 16.05 -24.83
CA ALA E 184 -34.05 14.73 -25.32
C ALA E 184 -34.80 13.91 -24.27
N VAL E 185 -34.33 13.91 -23.02
CA VAL E 185 -35.00 13.14 -21.98
C VAL E 185 -36.35 13.76 -21.64
N LEU E 186 -36.50 15.04 -21.95
CA LEU E 186 -37.75 15.76 -21.72
C LEU E 186 -38.69 15.66 -22.91
N GLY E 187 -38.21 15.03 -23.98
CA GLY E 187 -38.97 14.89 -25.20
C GLY E 187 -39.16 16.21 -25.92
N ALA E 188 -38.29 17.18 -25.65
CA ALA E 188 -38.43 18.51 -26.22
C ALA E 188 -37.50 18.70 -27.42
N PRO E 189 -38.03 19.29 -28.50
CA PRO E 189 -37.25 19.53 -29.72
C PRO E 189 -36.16 20.58 -29.55
N LEU E 190 -35.07 20.42 -30.28
CA LEU E 190 -33.94 21.35 -30.22
C LEU E 190 -34.29 22.71 -30.80
N PRO E 191 -33.97 23.77 -30.05
CA PRO E 191 -34.21 25.14 -30.52
C PRO E 191 -33.39 25.45 -31.76
N ALA E 192 -33.88 26.36 -32.60
CA ALA E 192 -33.14 26.73 -33.80
C ALA E 192 -31.89 27.49 -33.41
N ASP E 193 -30.76 27.18 -34.08
CA ASP E 193 -29.50 27.84 -33.82
C ASP E 193 -29.09 27.80 -32.35
N ARG E 194 -29.01 26.60 -31.77
CA ARG E 194 -28.73 26.42 -30.35
C ARG E 194 -27.42 27.06 -29.92
N VAL E 195 -26.37 26.76 -30.66
CA VAL E 195 -25.01 27.16 -30.32
C VAL E 195 -24.80 28.66 -30.46
N GLU E 196 -25.18 29.18 -31.62
CA GLU E 196 -25.04 30.59 -31.95
C GLU E 196 -25.70 31.47 -30.91
N LYS E 197 -26.92 31.12 -30.54
CA LYS E 197 -27.70 31.87 -29.56
C LYS E 197 -27.07 31.85 -28.18
N THR E 198 -26.60 30.68 -27.75
CA THR E 198 -25.99 30.57 -26.43
C THR E 198 -24.69 31.37 -26.39
N LEU E 199 -23.91 31.26 -27.47
CA LEU E 199 -22.68 32.02 -27.58
C LEU E 199 -22.95 33.51 -27.54
N GLU E 200 -24.06 33.92 -28.14
CA GLU E 200 -24.46 35.33 -28.12
C GLU E 200 -24.84 35.79 -26.72
N LEU E 201 -25.59 34.95 -25.99
CA LEU E 201 -25.96 35.27 -24.61
C LEU E 201 -24.74 35.35 -23.71
N ILE E 202 -23.70 34.61 -24.10
CA ILE E 202 -22.45 34.59 -23.35
C ILE E 202 -21.66 35.87 -23.59
N LYS E 203 -21.69 36.38 -24.83
CA LYS E 203 -20.98 37.62 -25.14
C LYS E 203 -21.53 38.78 -24.34
N GLN E 204 -22.86 38.89 -24.31
CA GLN E 204 -23.55 39.88 -23.50
C GLN E 204 -23.06 39.96 -22.06
N ALA E 205 -22.71 38.80 -21.50
CA ALA E 205 -22.26 38.69 -20.12
C ALA E 205 -20.81 39.17 -19.99
N ASP E 206 -20.21 39.50 -21.13
CA ASP E 206 -18.82 39.95 -21.19
C ASP E 206 -17.87 38.86 -20.71
N ASN F 5 -29.17 -10.56 11.73
CA ASN F 5 -28.01 -10.48 10.84
C ASN F 5 -27.00 -9.41 11.21
N PRO F 6 -26.04 -9.75 12.07
CA PRO F 6 -25.02 -8.82 12.57
C PRO F 6 -24.21 -8.25 11.41
N ARG F 7 -23.89 -9.10 10.44
CA ARG F 7 -23.06 -8.68 9.32
C ARG F 7 -23.72 -7.66 8.41
N GLU F 8 -25.02 -7.80 8.16
CA GLU F 8 -25.68 -6.82 7.32
C GLU F 8 -26.01 -5.56 8.15
N GLU F 9 -26.20 -5.75 9.47
CA GLU F 9 -26.39 -4.61 10.37
C GLU F 9 -25.13 -3.77 10.42
N ILE F 10 -23.98 -4.44 10.47
CA ILE F 10 -22.69 -3.76 10.42
C ILE F 10 -22.51 -2.99 9.10
N LEU F 11 -22.89 -3.61 7.99
CA LEU F 11 -22.78 -2.96 6.69
C LEU F 11 -23.72 -1.76 6.58
N ASP F 12 -24.95 -1.92 7.07
CA ASP F 12 -25.90 -0.82 7.06
C ASP F 12 -25.37 0.38 7.85
N ALA F 13 -24.91 0.12 9.08
CA ALA F 13 -24.39 1.18 9.94
C ALA F 13 -23.12 1.80 9.35
N SER F 14 -22.29 0.97 8.74
CA SER F 14 -21.06 1.45 8.12
C SER F 14 -21.37 2.36 6.94
N ALA F 15 -22.35 1.94 6.13
CA ALA F 15 -22.82 2.70 4.98
C ALA F 15 -23.26 4.09 5.40
N GLU F 16 -24.07 4.15 6.45
CA GLU F 16 -24.54 5.41 7.00
C GLU F 16 -23.38 6.32 7.39
N LEU F 17 -22.45 5.79 8.19
CA LEU F 17 -21.31 6.55 8.66
C LEU F 17 -20.41 7.05 7.52
N PHE F 18 -20.12 6.17 6.57
CA PHE F 18 -19.26 6.51 5.45
C PHE F 18 -19.89 7.60 4.58
N THR F 19 -21.19 7.51 4.30
CA THR F 19 -21.83 8.51 3.46
C THR F 19 -21.90 9.86 4.15
N ARG F 20 -21.87 9.87 5.49
CA ARG F 20 -21.98 11.13 6.20
C ARG F 20 -20.63 11.77 6.52
N GLN F 21 -19.62 10.94 6.78
CA GLN F 21 -18.33 11.43 7.23
C GLN F 21 -17.20 11.21 6.25
N GLY F 22 -17.42 10.34 5.28
CA GLY F 22 -16.35 9.91 4.40
C GLY F 22 -15.63 8.75 5.06
N PHE F 23 -14.57 8.27 4.41
CA PHE F 23 -13.86 7.07 4.85
C PHE F 23 -12.90 7.36 6.01
N ALA F 24 -12.06 8.36 5.81
CA ALA F 24 -10.97 8.65 6.74
C ALA F 24 -11.46 8.93 8.16
N THR F 25 -12.59 9.63 8.27
CA THR F 25 -13.08 10.11 9.56
C THR F 25 -13.86 9.05 10.32
N THR F 26 -14.47 8.14 9.57
CA THR F 26 -15.23 7.04 10.16
C THR F 26 -14.28 6.11 10.91
N SER F 27 -14.65 5.69 12.11
CA SER F 27 -13.82 4.76 12.86
C SER F 27 -14.58 3.47 13.14
N THR F 28 -13.84 2.39 13.41
CA THR F 28 -14.46 1.12 13.77
C THR F 28 -15.15 1.22 15.13
N HIS F 29 -14.62 2.09 15.98
CA HIS F 29 -15.28 2.39 17.26
C HIS F 29 -16.70 2.90 17.01
N GLN F 30 -16.84 3.79 16.05
CA GLN F 30 -18.14 4.33 15.67
C GLN F 30 -19.05 3.24 15.12
N ILE F 31 -18.49 2.39 14.25
CA ILE F 31 -19.28 1.33 13.65
C ILE F 31 -19.80 0.36 14.70
N ALA F 32 -18.94 -0.04 15.63
CA ALA F 32 -19.34 -0.96 16.69
C ALA F 32 -20.38 -0.34 17.62
N ASP F 33 -20.16 0.91 18.00
CA ASP F 33 -21.09 1.64 18.85
C ASP F 33 -22.48 1.75 18.22
N ALA F 34 -22.53 2.05 16.93
CA ALA F 34 -23.78 2.24 16.20
C ALA F 34 -24.65 0.99 16.26
N VAL F 35 -24.04 -0.18 16.08
CA VAL F 35 -24.80 -1.43 16.11
C VAL F 35 -24.85 -2.00 17.52
N GLY F 36 -24.16 -1.36 18.45
CA GLY F 36 -24.24 -1.72 19.86
C GLY F 36 -23.48 -2.96 20.27
N ILE F 37 -22.33 -3.20 19.63
CA ILE F 37 -21.49 -4.34 19.95
C ILE F 37 -20.09 -3.86 20.36
N ARG F 38 -19.36 -4.75 21.02
CA ARG F 38 -17.97 -4.47 21.37
C ARG F 38 -17.17 -4.53 20.09
N GLN F 39 -16.09 -3.78 20.07
CA GLN F 39 -15.30 -3.62 18.87
C GLN F 39 -14.56 -4.93 18.57
N ALA F 40 -14.29 -5.72 19.62
CA ALA F 40 -13.74 -7.07 19.48
C ALA F 40 -14.74 -7.94 18.72
N SER F 41 -16.02 -7.71 18.95
CA SER F 41 -17.07 -8.47 18.29
C SER F 41 -17.19 -8.10 16.81
N LEU F 42 -16.87 -6.84 16.51
CA LEU F 42 -16.92 -6.36 15.13
C LEU F 42 -15.86 -7.03 14.23
N TYR F 43 -14.65 -7.16 14.77
CA TYR F 43 -13.54 -7.75 14.03
C TYR F 43 -13.79 -9.21 13.67
N TYR F 44 -14.64 -9.88 14.44
CA TYR F 44 -15.05 -11.24 14.12
C TYR F 44 -15.65 -11.29 12.71
N HIS F 45 -16.47 -10.28 12.40
CA HIS F 45 -17.19 -10.22 11.12
C HIS F 45 -16.39 -9.60 9.99
N PHE F 46 -15.58 -8.59 10.30
CA PHE F 46 -14.76 -7.88 9.32
C PHE F 46 -13.39 -7.53 9.89
N PRO F 47 -12.33 -7.77 9.11
CA PRO F 47 -10.95 -7.53 9.58
C PRO F 47 -10.54 -6.07 9.64
N SER F 48 -11.10 -5.24 8.76
CA SER F 48 -10.68 -3.84 8.69
C SER F 48 -11.80 -2.92 8.22
N LYS F 49 -11.61 -1.62 8.46
CA LYS F 49 -12.52 -0.61 7.96
C LYS F 49 -12.45 -0.62 6.43
N THR F 50 -11.26 -0.88 5.89
CA THR F 50 -11.04 -0.93 4.46
C THR F 50 -11.85 -2.04 3.81
N GLU F 51 -11.88 -3.21 4.46
CA GLU F 51 -12.62 -4.36 3.93
C GLU F 51 -14.12 -4.13 3.98
N ILE F 52 -14.60 -3.44 5.02
CA ILE F 52 -16.01 -3.06 5.06
C ILE F 52 -16.35 -2.13 3.91
N PHE F 53 -15.51 -1.10 3.73
CA PHE F 53 -15.72 -0.13 2.67
C PHE F 53 -15.69 -0.80 1.30
N LEU F 54 -14.78 -1.76 1.11
CA LEU F 54 -14.68 -2.50 -0.16
C LEU F 54 -15.94 -3.33 -0.40
N THR F 55 -16.39 -4.03 0.64
CA THR F 55 -17.61 -4.84 0.56
C THR F 55 -18.82 -4.01 0.14
N LEU F 56 -18.93 -2.82 0.74
CA LEU F 56 -20.00 -1.88 0.45
C LEU F 56 -19.98 -1.46 -1.04
N LEU F 57 -18.81 -1.04 -1.51
CA LEU F 57 -18.66 -0.57 -2.88
C LEU F 57 -19.02 -1.64 -3.92
N LYS F 58 -18.65 -2.87 -3.64
CA LYS F 58 -18.85 -3.95 -4.59
C LYS F 58 -20.31 -4.38 -4.65
N SER F 59 -21.03 -4.21 -3.54
CA SER F 59 -22.42 -4.62 -3.46
C SER F 59 -23.36 -3.82 -4.34
N THR F 60 -22.88 -2.68 -4.84
CA THR F 60 -23.68 -1.80 -5.66
C THR F 60 -23.47 -2.01 -7.17
N VAL F 61 -22.44 -2.76 -7.56
CA VAL F 61 -22.20 -2.98 -8.98
C VAL F 61 -22.08 -4.46 -9.37
N GLU F 62 -21.52 -5.27 -8.47
CA GLU F 62 -21.25 -6.68 -8.74
C GLU F 62 -22.50 -7.53 -9.12
N PRO F 63 -23.64 -7.35 -8.43
CA PRO F 63 -24.80 -8.13 -8.89
C PRO F 63 -25.24 -7.82 -10.33
N SER F 64 -25.04 -6.58 -10.77
CA SER F 64 -25.37 -6.18 -12.14
C SER F 64 -24.39 -6.78 -13.17
N THR F 65 -23.11 -6.80 -12.83
CA THR F 65 -22.11 -7.37 -13.72
C THR F 65 -22.40 -8.86 -13.87
N VAL F 66 -22.78 -9.50 -12.77
CA VAL F 66 -23.19 -10.90 -12.81
C VAL F 66 -24.43 -11.04 -13.71
N LEU F 67 -25.41 -10.19 -13.49
CA LEU F 67 -26.64 -10.19 -14.30
C LEU F 67 -26.36 -9.97 -15.79
N ALA F 68 -25.33 -9.16 -16.07
CA ALA F 68 -24.96 -8.74 -17.42
C ALA F 68 -24.62 -9.93 -18.32
N GLU F 69 -23.98 -10.96 -17.75
CA GLU F 69 -23.58 -12.07 -18.59
C GLU F 69 -24.81 -12.87 -19.07
N ASP F 70 -25.96 -12.62 -18.45
CA ASP F 70 -27.23 -13.19 -18.92
C ASP F 70 -27.96 -12.32 -19.98
N LEU F 71 -27.30 -11.29 -20.50
CA LEU F 71 -27.98 -10.34 -21.39
C LEU F 71 -28.22 -10.91 -22.80
N SER F 72 -27.40 -11.87 -23.21
CA SER F 72 -27.59 -12.55 -24.48
C SER F 72 -28.93 -13.28 -24.53
N THR F 73 -29.50 -13.61 -23.37
CA THR F 73 -30.81 -14.27 -23.32
C THR F 73 -31.94 -13.38 -23.84
N LEU F 74 -31.65 -12.12 -24.12
CA LEU F 74 -32.63 -11.20 -24.64
C LEU F 74 -32.29 -10.89 -26.09
N ASP F 75 -32.83 -11.69 -27.02
CA ASP F 75 -32.52 -11.56 -28.45
C ASP F 75 -33.38 -10.52 -29.17
N ALA F 76 -34.03 -9.63 -28.44
CA ALA F 76 -34.75 -8.53 -29.09
C ALA F 76 -33.81 -7.51 -29.71
N GLY F 77 -32.64 -7.35 -29.12
CA GLY F 77 -31.70 -6.38 -29.66
C GLY F 77 -30.98 -5.63 -28.56
N PRO F 78 -29.98 -4.81 -28.93
CA PRO F 78 -29.19 -4.04 -27.97
C PRO F 78 -30.04 -3.03 -27.19
N GLU F 79 -31.15 -2.60 -27.78
CA GLU F 79 -32.06 -1.68 -27.10
C GLU F 79 -32.67 -2.35 -25.88
N MET F 80 -33.13 -3.58 -26.05
CA MET F 80 -33.73 -4.32 -24.95
C MET F 80 -32.68 -4.65 -23.90
N ARG F 81 -31.49 -5.04 -24.35
CA ARG F 81 -30.42 -5.38 -23.43
C ARG F 81 -30.00 -4.17 -22.60
N LEU F 82 -29.79 -3.03 -23.27
CA LEU F 82 -29.41 -1.81 -22.57
C LEU F 82 -30.49 -1.36 -21.59
N TRP F 83 -31.75 -1.40 -22.01
CA TRP F 83 -32.85 -1.00 -21.14
C TRP F 83 -32.90 -1.87 -19.87
N ALA F 84 -32.76 -3.18 -20.04
CA ALA F 84 -32.81 -4.11 -18.92
C ALA F 84 -31.70 -3.89 -17.91
N ILE F 85 -30.47 -3.67 -18.40
CA ILE F 85 -29.34 -3.52 -17.50
C ILE F 85 -29.38 -2.16 -16.80
N VAL F 86 -29.83 -1.13 -17.49
CA VAL F 86 -29.99 0.18 -16.87
C VAL F 86 -31.01 0.12 -15.75
N ALA F 87 -32.17 -0.46 -16.06
CA ALA F 87 -33.25 -0.55 -15.07
C ALA F 87 -32.85 -1.40 -13.87
N SER F 88 -32.10 -2.47 -14.14
CA SER F 88 -31.70 -3.38 -13.09
C SER F 88 -30.67 -2.76 -12.13
N GLU F 89 -29.74 -1.97 -12.69
CA GLU F 89 -28.75 -1.30 -11.86
C GLU F 89 -29.40 -0.19 -11.01
N VAL F 90 -30.35 0.53 -11.59
CA VAL F 90 -31.06 1.56 -10.82
C VAL F 90 -31.88 0.88 -9.72
N ARG F 91 -32.51 -0.24 -10.07
CA ARG F 91 -33.23 -1.08 -9.11
C ARG F 91 -32.33 -1.48 -7.93
N LEU F 92 -31.11 -1.90 -8.24
CA LEU F 92 -30.15 -2.24 -7.20
C LEU F 92 -29.81 -1.04 -6.32
N LEU F 93 -29.52 0.08 -6.94
CA LEU F 93 -29.12 1.28 -6.21
C LEU F 93 -30.25 1.87 -5.35
N LEU F 94 -31.49 1.49 -5.64
CA LEU F 94 -32.66 1.94 -4.88
C LEU F 94 -33.12 0.96 -3.82
N SER F 95 -32.42 -0.16 -3.70
CA SER F 95 -32.88 -1.26 -2.86
C SER F 95 -32.24 -1.29 -1.48
N THR F 96 -31.31 -0.38 -1.22
CA THR F 96 -30.55 -0.40 0.03
C THR F 96 -31.04 0.61 1.05
N LYS F 97 -30.89 0.26 2.33
CA LYS F 97 -31.31 1.16 3.43
C LYS F 97 -30.56 2.49 3.41
N TRP F 98 -29.30 2.45 3.00
CA TRP F 98 -28.52 3.67 2.90
C TRP F 98 -28.03 3.87 1.47
N ASN F 99 -27.72 5.11 1.12
CA ASN F 99 -27.34 5.46 -0.25
C ASN F 99 -25.88 5.09 -0.53
N VAL F 100 -25.64 3.78 -0.57
CA VAL F 100 -24.28 3.26 -0.70
C VAL F 100 -23.62 3.63 -2.03
N GLY F 101 -24.42 3.92 -3.04
CA GLY F 101 -23.91 4.42 -4.31
C GLY F 101 -23.16 5.74 -4.20
N ARG F 102 -23.46 6.52 -3.16
CA ARG F 102 -22.81 7.80 -2.94
C ARG F 102 -21.31 7.68 -2.63
N LEU F 103 -20.90 6.51 -2.15
CA LEU F 103 -19.51 6.28 -1.75
C LEU F 103 -18.56 6.43 -2.95
N TYR F 104 -19.07 6.23 -4.16
CA TYR F 104 -18.26 6.34 -5.37
C TYR F 104 -17.62 7.69 -5.58
N GLN F 105 -18.21 8.72 -4.99
CA GLN F 105 -17.77 10.09 -5.23
C GLN F 105 -16.65 10.47 -4.29
N LEU F 106 -16.33 9.59 -3.34
CA LEU F 106 -15.25 9.85 -2.40
C LEU F 106 -13.93 9.54 -3.07
N PRO F 107 -12.99 10.50 -3.03
CA PRO F 107 -11.68 10.36 -3.69
C PRO F 107 -10.93 9.09 -3.28
N ILE F 108 -11.15 8.65 -2.04
CA ILE F 108 -10.45 7.49 -1.50
C ILE F 108 -10.70 6.22 -2.33
N VAL F 109 -11.82 6.16 -3.06
CA VAL F 109 -12.15 4.94 -3.79
C VAL F 109 -11.19 4.70 -4.96
N GLY F 110 -10.44 5.74 -5.33
CA GLY F 110 -9.48 5.62 -6.42
C GLY F 110 -8.27 4.77 -6.05
N SER F 111 -8.06 4.56 -4.76
CA SER F 111 -6.89 3.83 -4.29
C SER F 111 -6.84 2.37 -4.76
N GLU F 112 -5.61 1.88 -4.95
CA GLU F 112 -5.34 0.52 -5.39
C GLU F 112 -6.01 -0.52 -4.50
N GLU F 113 -6.17 -0.17 -3.24
CA GLU F 113 -6.78 -1.05 -2.25
C GLU F 113 -8.21 -1.46 -2.67
N PHE F 114 -8.85 -0.64 -3.50
CA PHE F 114 -10.20 -0.92 -3.93
C PHE F 114 -10.18 -1.38 -5.40
N ALA F 115 -9.09 -2.05 -5.78
CA ALA F 115 -8.94 -2.53 -7.16
C ALA F 115 -10.07 -3.44 -7.60
N GLU F 116 -10.61 -4.25 -6.69
CA GLU F 116 -11.70 -5.15 -7.03
C GLU F 116 -12.94 -4.39 -7.48
N TYR F 117 -13.25 -3.30 -6.80
CA TYR F 117 -14.36 -2.47 -7.20
C TYR F 117 -14.13 -1.81 -8.57
N HIS F 118 -12.91 -1.32 -8.79
CA HIS F 118 -12.55 -0.67 -10.06
C HIS F 118 -12.89 -1.56 -11.23
N SER F 119 -12.50 -2.81 -11.11
CA SER F 119 -12.70 -3.82 -12.14
C SER F 119 -14.18 -4.03 -12.40
N GLN F 120 -14.96 -4.11 -11.31
CA GLN F 120 -16.39 -4.28 -11.40
C GLN F 120 -17.05 -3.10 -12.14
N ARG F 121 -16.65 -1.89 -11.77
CA ARG F 121 -17.19 -0.67 -12.38
C ARG F 121 -16.79 -0.58 -13.84
N GLU F 122 -15.53 -0.94 -14.13
CA GLU F 122 -15.05 -0.94 -15.51
C GLU F 122 -15.82 -1.91 -16.38
N ALA F 123 -16.09 -3.10 -15.85
CA ALA F 123 -16.82 -4.11 -16.59
C ALA F 123 -18.25 -3.63 -16.87
N LEU F 124 -18.88 -3.06 -15.86
CA LEU F 124 -20.23 -2.53 -16.00
C LEU F 124 -20.23 -1.39 -17.02
N THR F 125 -19.25 -0.49 -16.88
CA THR F 125 -19.14 0.64 -17.79
C THR F 125 -18.97 0.16 -19.22
N ASN F 126 -18.19 -0.90 -19.39
CA ASN F 126 -17.95 -1.46 -20.71
C ASN F 126 -19.22 -2.05 -21.32
N VAL F 127 -19.98 -2.77 -20.51
CA VAL F 127 -21.23 -3.38 -20.97
C VAL F 127 -22.19 -2.30 -21.46
N PHE F 128 -22.35 -1.26 -20.66
CA PHE F 128 -23.19 -0.12 -21.04
C PHE F 128 -22.69 0.53 -22.33
N ARG F 129 -21.40 0.82 -22.39
CA ARG F 129 -20.82 1.50 -23.53
C ARG F 129 -20.96 0.67 -24.82
N ASP F 130 -20.64 -0.62 -24.73
CA ASP F 130 -20.71 -1.52 -25.89
C ASP F 130 -22.13 -1.63 -26.46
N LEU F 131 -23.10 -1.81 -25.56
CA LEU F 131 -24.50 -1.88 -25.96
C LEU F 131 -24.92 -0.58 -26.64
N ALA F 132 -24.54 0.55 -26.04
CA ALA F 132 -24.90 1.84 -26.58
C ALA F 132 -24.30 2.04 -27.97
N THR F 133 -23.04 1.62 -28.16
CA THR F 133 -22.39 1.78 -29.48
C THR F 133 -23.00 0.86 -30.54
N GLU F 134 -23.59 -0.26 -30.13
CA GLU F 134 -24.34 -1.11 -31.05
C GLU F 134 -25.50 -0.31 -31.63
N ILE F 135 -25.97 0.66 -30.87
CA ILE F 135 -27.12 1.46 -31.26
C ILE F 135 -26.73 2.73 -32.03
N VAL F 136 -25.67 3.41 -31.61
CA VAL F 136 -25.35 4.71 -32.18
C VAL F 136 -24.01 4.73 -32.91
N GLY F 137 -23.30 3.61 -32.91
CA GLY F 137 -22.01 3.56 -33.56
C GLY F 137 -20.98 4.33 -32.77
N ASP F 138 -19.96 4.85 -33.46
CA ASP F 138 -18.90 5.62 -32.82
C ASP F 138 -19.43 7.04 -32.53
N ASP F 139 -20.12 7.16 -31.41
CA ASP F 139 -20.85 8.39 -31.08
C ASP F 139 -20.64 8.66 -29.59
N PRO F 140 -20.26 9.89 -29.23
CA PRO F 140 -19.99 10.23 -27.83
C PRO F 140 -21.20 10.05 -26.91
N ARG F 141 -22.40 10.03 -27.50
CA ARG F 141 -23.62 9.79 -26.73
C ARG F 141 -23.62 8.40 -26.10
N ALA F 142 -22.78 7.51 -26.62
CA ALA F 142 -22.69 6.15 -26.10
C ALA F 142 -22.21 6.14 -24.65
N GLU F 143 -21.59 7.23 -24.22
CA GLU F 143 -21.12 7.38 -22.83
C GLU F 143 -22.26 7.70 -21.85
N LEU F 144 -23.35 8.24 -22.39
CA LEU F 144 -24.41 8.80 -21.56
C LEU F 144 -25.25 7.82 -20.74
N PRO F 145 -25.64 6.65 -21.30
CA PRO F 145 -26.51 5.78 -20.51
C PRO F 145 -25.96 5.38 -19.14
N PHE F 146 -24.65 5.17 -19.02
CA PHE F 146 -24.07 4.80 -17.73
C PHE F 146 -24.24 5.96 -16.73
N HIS F 147 -23.95 7.18 -17.16
CA HIS F 147 -24.05 8.36 -16.31
C HIS F 147 -25.49 8.68 -15.92
N ILE F 148 -26.43 8.44 -16.82
CA ILE F 148 -27.84 8.60 -16.53
C ILE F 148 -28.29 7.58 -15.49
N THR F 149 -27.83 6.34 -15.62
CA THR F 149 -28.11 5.30 -14.65
C THR F 149 -27.65 5.70 -13.25
N MET F 150 -26.42 6.20 -13.17
CA MET F 150 -25.80 6.52 -11.88
C MET F 150 -26.39 7.78 -11.24
N SER F 151 -27.14 8.56 -12.02
CA SER F 151 -27.68 9.81 -11.52
C SER F 151 -28.75 9.56 -10.46
N VAL F 152 -29.24 8.32 -10.36
CA VAL F 152 -30.21 7.97 -9.33
C VAL F 152 -29.60 8.13 -7.94
N ILE F 153 -28.27 8.05 -7.86
CA ILE F 153 -27.54 8.24 -6.62
C ILE F 153 -27.75 9.65 -6.06
N GLU F 154 -28.00 10.61 -6.94
CA GLU F 154 -28.27 12.00 -6.55
C GLU F 154 -29.76 12.28 -6.35
N MET F 155 -30.60 11.27 -6.54
CA MET F 155 -32.05 11.47 -6.47
C MET F 155 -32.68 10.84 -5.23
N ARG F 156 -32.10 9.75 -4.75
CA ARG F 156 -32.74 8.97 -3.69
C ARG F 156 -32.41 9.50 -2.30
N ARG F 157 -33.25 9.12 -1.34
CA ARG F 157 -33.05 9.46 0.06
C ARG F 157 -31.89 8.69 0.66
N ASN F 158 -31.46 9.12 1.84
CA ASN F 158 -30.40 8.45 2.57
C ASN F 158 -30.65 8.61 4.07
N ASP F 159 -31.61 7.86 4.60
CA ASP F 159 -32.03 8.00 6.00
C ASP F 159 -32.33 6.67 6.66
N GLY F 160 -31.90 5.57 6.05
CA GLY F 160 -32.10 4.24 6.60
C GLY F 160 -33.32 3.51 6.07
N LYS F 161 -34.17 4.24 5.37
CA LYS F 161 -35.35 3.65 4.75
C LYS F 161 -35.14 3.36 3.26
N ILE F 162 -35.44 2.13 2.86
CA ILE F 162 -35.32 1.70 1.48
C ILE F 162 -36.33 2.40 0.58
N PRO F 163 -35.85 3.13 -0.44
CA PRO F 163 -36.73 3.83 -1.38
C PRO F 163 -37.65 2.87 -2.14
N SER F 164 -37.08 1.80 -2.69
CA SER F 164 -37.88 0.83 -3.43
C SER F 164 -37.42 -0.60 -3.11
N PRO F 165 -38.10 -1.26 -2.16
CA PRO F 165 -37.80 -2.64 -1.81
C PRO F 165 -37.83 -3.58 -3.03
N LEU F 166 -36.89 -4.52 -3.09
CA LEU F 166 -36.79 -5.44 -4.21
C LEU F 166 -38.09 -6.23 -4.42
N SER F 167 -38.52 -6.31 -5.68
CA SER F 167 -39.73 -7.01 -6.03
C SER F 167 -39.50 -7.87 -7.27
N ALA F 168 -40.20 -9.00 -7.35
CA ALA F 168 -40.12 -9.85 -8.52
C ALA F 168 -41.26 -9.53 -9.47
N ASP F 169 -42.20 -8.73 -8.98
CA ASP F 169 -43.44 -8.43 -9.68
C ASP F 169 -43.39 -7.11 -10.43
N SER F 170 -42.49 -6.22 -10.02
CA SER F 170 -42.48 -4.87 -10.55
C SER F 170 -41.12 -4.20 -10.52
N LEU F 171 -40.97 -3.15 -11.34
CA LEU F 171 -39.78 -2.30 -11.31
C LEU F 171 -40.14 -0.94 -10.71
N PRO F 172 -39.19 -0.33 -9.97
CA PRO F 172 -39.41 1.01 -9.43
C PRO F 172 -39.62 2.04 -10.53
N GLU F 173 -40.52 2.99 -10.30
CA GLU F 173 -40.83 4.02 -11.28
C GLU F 173 -39.58 4.75 -11.78
N THR F 174 -38.65 5.04 -10.86
CA THR F 174 -37.40 5.73 -11.20
C THR F 174 -36.51 4.89 -12.11
N ALA F 175 -36.51 3.58 -11.89
CA ALA F 175 -35.75 2.66 -12.76
C ALA F 175 -36.29 2.71 -14.19
N ILE F 176 -37.61 2.68 -14.32
CA ILE F 176 -38.24 2.75 -15.65
C ILE F 176 -37.92 4.09 -16.32
N MET F 177 -38.01 5.17 -15.56
CA MET F 177 -37.74 6.51 -16.08
C MET F 177 -36.33 6.64 -16.63
N LEU F 178 -35.35 6.23 -15.82
CA LEU F 178 -33.95 6.37 -16.18
C LEU F 178 -33.60 5.45 -17.34
N ALA F 179 -34.23 4.27 -17.38
CA ALA F 179 -34.02 3.36 -18.48
C ALA F 179 -34.60 3.93 -19.78
N ASP F 180 -35.80 4.50 -19.68
CA ASP F 180 -36.43 5.19 -20.80
C ASP F 180 -35.56 6.36 -21.26
N ALA F 181 -35.01 7.10 -20.30
CA ALA F 181 -34.15 8.26 -20.59
C ALA F 181 -32.86 7.84 -21.29
N SER F 182 -32.31 6.71 -20.88
CA SER F 182 -31.07 6.20 -21.46
C SER F 182 -31.22 5.91 -22.96
N LEU F 183 -32.39 5.40 -23.35
CA LEU F 183 -32.63 5.13 -24.76
C LEU F 183 -32.98 6.43 -25.48
N ALA F 184 -33.74 7.29 -24.82
CA ALA F 184 -34.16 8.58 -25.36
C ALA F 184 -32.98 9.42 -25.80
N VAL F 185 -31.93 9.42 -24.98
CA VAL F 185 -30.73 10.18 -25.25
C VAL F 185 -30.00 9.61 -26.48
N LEU F 186 -30.25 8.34 -26.76
CA LEU F 186 -29.66 7.67 -27.91
C LEU F 186 -30.56 7.80 -29.14
N GLY F 187 -31.75 8.36 -28.95
CA GLY F 187 -32.72 8.47 -30.02
C GLY F 187 -33.28 7.11 -30.41
N ALA F 188 -33.19 6.16 -29.49
CA ALA F 188 -33.64 4.80 -29.76
C ALA F 188 -35.04 4.54 -29.22
N PRO F 189 -35.89 3.89 -30.03
CA PRO F 189 -37.26 3.56 -29.61
C PRO F 189 -37.30 2.49 -28.53
N LEU F 190 -38.29 2.56 -27.65
CA LEU F 190 -38.42 1.59 -26.57
C LEU F 190 -38.83 0.20 -27.06
N PRO F 191 -38.12 -0.83 -26.58
CA PRO F 191 -38.42 -2.23 -26.90
C PRO F 191 -39.76 -2.67 -26.33
N ALA F 192 -40.38 -3.66 -26.97
CA ALA F 192 -41.66 -4.21 -26.51
C ALA F 192 -41.51 -5.01 -25.22
N ASP F 193 -42.48 -4.86 -24.32
CA ASP F 193 -42.50 -5.59 -23.05
C ASP F 193 -41.19 -5.44 -22.31
N ARG F 194 -40.67 -4.22 -22.24
CA ARG F 194 -39.38 -3.99 -21.62
C ARG F 194 -39.39 -4.41 -20.15
N VAL F 195 -40.46 -4.08 -19.44
CA VAL F 195 -40.52 -4.37 -18.01
C VAL F 195 -40.60 -5.86 -17.72
N GLU F 196 -41.56 -6.54 -18.34
CA GLU F 196 -41.72 -7.99 -18.14
C GLU F 196 -40.47 -8.78 -18.54
N LYS F 197 -39.88 -8.43 -19.67
CA LYS F 197 -38.67 -9.12 -20.13
C LYS F 197 -37.55 -8.88 -19.14
N THR F 198 -37.45 -7.66 -18.62
CA THR F 198 -36.44 -7.33 -17.62
C THR F 198 -36.68 -8.10 -16.33
N LEU F 199 -37.93 -8.13 -15.87
CA LEU F 199 -38.29 -8.89 -14.68
C LEU F 199 -38.00 -10.39 -14.85
N GLU F 200 -38.24 -10.89 -16.07
CA GLU F 200 -37.97 -12.29 -16.38
C GLU F 200 -36.47 -12.58 -16.33
N LEU F 201 -35.67 -11.68 -16.88
CA LEU F 201 -34.23 -11.82 -16.87
C LEU F 201 -33.70 -11.83 -15.43
N ILE F 202 -34.36 -11.06 -14.57
CA ILE F 202 -33.95 -10.97 -13.18
C ILE F 202 -34.38 -12.20 -12.40
N LYS F 203 -35.60 -12.67 -12.68
CA LYS F 203 -36.11 -13.84 -11.98
C LYS F 203 -35.28 -15.07 -12.32
N GLN F 204 -35.04 -15.28 -13.61
CA GLN F 204 -34.19 -16.37 -14.07
C GLN F 204 -32.82 -16.39 -13.39
N ALA F 205 -32.26 -15.22 -13.13
CA ALA F 205 -30.92 -15.11 -12.56
C ALA F 205 -30.84 -15.34 -11.04
N ASP F 206 -31.98 -15.42 -10.37
CA ASP F 206 -31.98 -15.62 -8.92
C ASP F 206 -32.38 -17.04 -8.56
#